data_6G1D
#
_entry.id   6G1D
#
_cell.length_a   74.409
_cell.length_b   63.481
_cell.length_c   157.414
_cell.angle_alpha   90.000
_cell.angle_beta   97.790
_cell.angle_gamma   90.000
#
_symmetry.space_group_name_H-M   'P 1 21 1'
#
loop_
_entity.id
_entity.type
_entity.pdbx_description
1 polymer 'Hydrogen peroxide-inducible genes activator'
2 non-polymer 1,2-ETHANEDIOL
3 non-polymer 'FORMIC ACID'
4 non-polymer 'SULFATE ION'
5 non-polymer DI(HYDROXYETHYL)ETHER
6 non-polymer 'SODIUM ION'
7 non-polymer 'FORMYL GROUP'
8 water water
#
_entity_poly.entity_id   1
_entity_poly.type   'polypeptide(L)'
_entity_poly.pdbx_seq_one_letter_code
;SHMSNKEYRPTLAQLRTFVTIAECKHFGTAATKLSISQPSLSQALVALETGLGVQLIERSTRKVIVTPAGEKLLPFAKST
LDAAESFLSHAKGANGSLTGPLTVGIIPTAAPYILPSMLSIVDEEYPDLEPHIVEDQTKHLLALLRDGAIDVAMMALPSE
APGMKEIPLYDEDFIVVTASDHPFAGRQDLELSALEDLDLLLLDDGHSLHDQIVDLCRRGDINPISSTTAVTRASSLTTV
MQLVVAGLGSTLVPISAIPWECTRPGLATANFNSDVTANRRIGLVYRSSSSRAEEFEQFALILQRAFQEAVALAASTGIT
LKQNVAVAQ
;
_entity_poly.pdbx_strand_id   C,D,B,A
#
# COMPACT_ATOMS: atom_id res chain seq x y z
N LYS A 6 -27.78 -26.16 -20.20
CA LYS A 6 -26.68 -26.37 -21.13
C LYS A 6 -25.93 -27.66 -20.87
N GLU A 7 -24.72 -27.54 -20.36
CA GLU A 7 -23.86 -28.69 -20.05
C GLU A 7 -24.17 -29.30 -18.65
N TYR A 8 -23.65 -30.49 -18.42
CA TYR A 8 -23.89 -31.20 -17.17
C TYR A 8 -23.34 -30.51 -15.91
N ARG A 9 -24.17 -30.41 -14.89
CA ARG A 9 -23.83 -29.84 -13.59
C ARG A 9 -24.21 -30.87 -12.54
N PRO A 10 -23.28 -31.29 -11.68
CA PRO A 10 -23.65 -32.27 -10.65
C PRO A 10 -24.68 -31.73 -9.68
N THR A 11 -25.50 -32.63 -9.16
CA THR A 11 -26.43 -32.28 -8.10
C THR A 11 -25.79 -32.61 -6.77
N LEU A 12 -26.29 -31.96 -5.72
CA LEU A 12 -25.86 -32.34 -4.39
C LEU A 12 -26.15 -33.82 -4.11
N ALA A 13 -27.30 -34.32 -4.55
CA ALA A 13 -27.64 -35.76 -4.33
C ALA A 13 -26.59 -36.67 -4.92
N GLN A 14 -26.10 -36.34 -6.10
CA GLN A 14 -25.07 -37.15 -6.73
C GLN A 14 -23.76 -37.10 -5.92
N LEU A 15 -23.40 -35.92 -5.47
CA LEU A 15 -22.22 -35.75 -4.64
C LEU A 15 -22.33 -36.51 -3.32
N ARG A 16 -23.52 -36.48 -2.69
CA ARG A 16 -23.73 -37.24 -1.44
CA ARG A 16 -23.74 -37.23 -1.44
C ARG A 16 -23.49 -38.72 -1.68
N THR A 17 -24.02 -39.23 -2.78
CA THR A 17 -23.79 -40.61 -3.12
C THR A 17 -22.31 -40.93 -3.26
N PHE A 18 -21.59 -40.10 -3.99
CA PHE A 18 -20.15 -40.33 -4.18
C PHE A 18 -19.37 -40.35 -2.85
N VAL A 19 -19.62 -39.34 -2.04
CA VAL A 19 -18.91 -39.19 -0.78
C VAL A 19 -19.23 -40.36 0.16
N THR A 20 -20.51 -40.72 0.24
CA THR A 20 -20.94 -41.79 1.13
C THR A 20 -20.32 -43.14 0.68
N ILE A 21 -20.29 -43.43 -0.62
CA ILE A 21 -19.65 -44.65 -1.12
C ILE A 21 -18.18 -44.65 -0.75
N ALA A 22 -17.52 -43.51 -0.92
CA ALA A 22 -16.07 -43.39 -0.60
C ALA A 22 -15.79 -43.69 0.88
N GLU A 23 -16.64 -43.20 1.76
CA GLU A 23 -16.61 -43.46 3.18
C GLU A 23 -17.06 -44.85 3.69
N CYS A 24 -18.15 -45.38 3.14
CA CYS A 24 -18.70 -46.72 3.52
C CYS A 24 -17.97 -47.91 2.91
N LYS A 25 -17.36 -47.70 1.74
CA LYS A 25 -16.61 -48.74 1.00
C LYS A 25 -17.50 -49.89 0.53
N HIS A 26 -18.81 -49.69 0.51
CA HIS A 26 -19.76 -50.68 0.04
C HIS A 26 -20.99 -49.97 -0.44
N PHE A 27 -21.61 -50.48 -1.49
CA PHE A 27 -22.80 -49.89 -2.06
C PHE A 27 -24.03 -50.03 -1.15
N GLY A 28 -24.24 -51.24 -0.64
CA GLY A 28 -25.41 -51.52 0.23
C GLY A 28 -25.38 -50.71 1.52
N THR A 29 -24.19 -50.64 2.16
CA THR A 29 -24.07 -49.82 3.35
C THR A 29 -24.24 -48.35 3.01
N ALA A 30 -23.74 -47.93 1.85
CA ALA A 30 -23.86 -46.50 1.44
C ALA A 30 -25.30 -46.15 1.24
N ALA A 31 -26.04 -47.06 0.60
CA ALA A 31 -27.45 -46.81 0.32
C ALA A 31 -28.27 -46.71 1.63
N THR A 32 -27.98 -47.61 2.57
CA THR A 32 -28.70 -47.58 3.86
C THR A 32 -28.34 -46.31 4.61
N LYS A 33 -27.08 -45.87 4.51
CA LYS A 33 -26.67 -44.61 5.16
C LYS A 33 -27.48 -43.42 4.68
N LEU A 34 -27.81 -43.40 3.39
CA LEU A 34 -28.57 -42.31 2.79
C LEU A 34 -30.09 -42.52 2.79
N SER A 35 -30.56 -43.65 3.32
CA SER A 35 -31.99 -44.02 3.26
C SER A 35 -32.54 -44.01 1.82
N ILE A 36 -31.78 -44.62 0.92
CA ILE A 36 -32.23 -44.82 -0.47
C ILE A 36 -31.99 -46.26 -0.85
N SER A 37 -32.60 -46.68 -1.94
CA SER A 37 -32.38 -48.02 -2.46
C SER A 37 -31.01 -48.13 -3.14
N GLN A 38 -30.51 -49.35 -3.25
CA GLN A 38 -29.28 -49.63 -3.98
C GLN A 38 -29.35 -49.26 -5.47
N PRO A 39 -30.47 -49.55 -6.16
CA PRO A 39 -30.64 -49.01 -7.52
C PRO A 39 -30.57 -47.48 -7.60
N SER A 40 -31.19 -46.75 -6.67
CA SER A 40 -31.11 -45.26 -6.65
C SER A 40 -29.67 -44.75 -6.47
N LEU A 41 -28.95 -45.40 -5.55
CA LEU A 41 -27.55 -45.08 -5.33
C LEU A 41 -26.73 -45.29 -6.61
N SER A 42 -26.87 -46.45 -7.24
CA SER A 42 -26.12 -46.76 -8.46
C SER A 42 -26.45 -45.82 -9.62
N GLN A 43 -27.74 -45.44 -9.75
CA GLN A 43 -28.20 -44.47 -10.76
C GLN A 43 -27.53 -43.12 -10.58
N ALA A 44 -27.48 -42.64 -9.34
CA ALA A 44 -26.84 -41.37 -9.02
C ALA A 44 -25.35 -41.42 -9.30
N LEU A 45 -24.68 -42.50 -8.93
CA LEU A 45 -23.25 -42.62 -9.18
C LEU A 45 -22.96 -42.64 -10.68
N VAL A 46 -23.71 -43.47 -11.43
CA VAL A 46 -23.47 -43.58 -12.87
C VAL A 46 -23.79 -42.25 -13.61
N ALA A 47 -24.83 -41.56 -13.16
CA ALA A 47 -25.15 -40.23 -13.71
C ALA A 47 -24.01 -39.23 -13.47
N LEU A 48 -23.42 -39.28 -12.28
CA LEU A 48 -22.28 -38.44 -11.95
C LEU A 48 -21.07 -38.79 -12.82
N GLU A 49 -20.75 -40.08 -12.92
CA GLU A 49 -19.58 -40.50 -13.67
CA GLU A 49 -19.58 -40.52 -13.77
C GLU A 49 -19.73 -40.21 -15.18
N THR A 50 -20.92 -40.46 -15.71
CA THR A 50 -21.21 -40.18 -17.11
C THR A 50 -21.20 -38.69 -17.39
N GLY A 51 -21.83 -37.91 -16.53
CA GLY A 51 -21.85 -36.45 -16.67
C GLY A 51 -20.47 -35.84 -16.66
N LEU A 52 -19.62 -36.33 -15.77
CA LEU A 52 -18.21 -35.89 -15.71
C LEU A 52 -17.26 -36.53 -16.74
N GLY A 53 -17.61 -37.70 -17.28
CA GLY A 53 -16.69 -38.45 -18.15
C GLY A 53 -15.52 -39.04 -17.38
N VAL A 54 -15.69 -39.24 -16.08
CA VAL A 54 -14.64 -39.70 -15.19
C VAL A 54 -15.19 -40.83 -14.33
N GLN A 55 -14.45 -41.95 -14.28
CA GLN A 55 -14.74 -43.05 -13.35
C GLN A 55 -14.21 -42.68 -11.94
N LEU A 56 -15.11 -42.61 -10.97
CA LEU A 56 -14.79 -42.23 -9.59
C LEU A 56 -14.61 -43.40 -8.64
N ILE A 57 -15.24 -44.53 -8.94
CA ILE A 57 -15.24 -45.72 -8.06
C ILE A 57 -14.98 -46.97 -8.86
N GLU A 58 -14.21 -47.85 -8.25
CA GLU A 58 -13.77 -49.15 -8.77
C GLU A 58 -14.27 -50.31 -7.88
N ARG A 59 -14.62 -51.45 -8.49
CA ARG A 59 -15.16 -52.64 -7.79
C ARG A 59 -14.28 -53.35 -6.75
N SER A 60 -12.97 -53.27 -6.93
CA SER A 60 -11.97 -53.30 -5.84
C SER A 60 -11.71 -54.46 -4.84
N THR A 61 -11.70 -55.71 -5.28
CA THR A 61 -11.28 -56.84 -4.41
C THR A 61 -11.90 -57.10 -3.03
N ARG A 62 -13.21 -57.31 -3.02
CA ARG A 62 -14.16 -57.58 -1.91
C ARG A 62 -14.74 -56.31 -1.33
N LYS A 63 -14.16 -55.19 -1.71
CA LYS A 63 -14.78 -53.91 -1.35
C LYS A 63 -14.59 -52.87 -2.45
N VAL A 64 -15.15 -51.72 -2.23
CA VAL A 64 -15.22 -50.59 -3.18
C VAL A 64 -14.11 -49.62 -2.86
N ILE A 65 -13.30 -49.29 -3.87
CA ILE A 65 -12.19 -48.35 -3.78
C ILE A 65 -12.47 -47.12 -4.66
N VAL A 66 -11.91 -46.00 -4.24
CA VAL A 66 -12.01 -44.79 -5.00
C VAL A 66 -10.88 -44.79 -6.01
N THR A 67 -11.15 -44.46 -7.26
CA THR A 67 -10.07 -44.35 -8.27
C THR A 67 -9.14 -43.17 -7.97
N PRO A 68 -7.97 -43.09 -8.65
CA PRO A 68 -7.14 -41.88 -8.48
C PRO A 68 -7.91 -40.57 -8.70
N ALA A 69 -8.70 -40.52 -9.77
CA ALA A 69 -9.56 -39.36 -10.05
C ALA A 69 -10.56 -39.07 -8.92
N GLY A 70 -11.20 -40.14 -8.42
CA GLY A 70 -12.15 -40.00 -7.32
C GLY A 70 -11.49 -39.49 -6.04
N GLU A 71 -10.28 -39.97 -5.75
CA GLU A 71 -9.55 -39.53 -4.57
C GLU A 71 -9.21 -38.05 -4.64
N LYS A 72 -8.84 -37.57 -5.84
CA LYS A 72 -8.57 -36.16 -6.02
C LYS A 72 -9.81 -35.28 -5.96
N LEU A 73 -10.93 -35.78 -6.45
CA LEU A 73 -12.18 -35.00 -6.41
C LEU A 73 -12.95 -35.06 -5.06
N LEU A 74 -12.69 -36.10 -4.26
CA LEU A 74 -13.39 -36.28 -2.99
C LEU A 74 -13.43 -35.01 -2.10
N PRO A 75 -12.30 -34.38 -1.67
CA PRO A 75 -12.31 -33.39 -0.53
C PRO A 75 -13.26 -32.15 -0.55
N PHE A 76 -13.34 -31.87 -1.88
CA PHE A 76 -14.12 -30.87 -2.64
C PHE A 76 -15.58 -31.29 -2.85
N ALA A 77 -15.88 -32.46 -3.44
CA ALA A 77 -17.26 -32.92 -3.20
C ALA A 77 -17.65 -32.66 -1.75
N LYS A 78 -16.79 -33.06 -0.82
CA LYS A 78 -17.01 -32.77 0.61
C LYS A 78 -17.20 -31.28 0.92
N SER A 79 -16.38 -30.42 0.34
CA SER A 79 -16.53 -28.96 0.57
C SER A 79 -17.89 -28.46 0.15
N THR A 80 -18.39 -29.00 -0.96
CA THR A 80 -19.67 -28.57 -1.50
C THR A 80 -20.82 -28.97 -0.53
N LEU A 81 -20.77 -30.21 -0.07
CA LEU A 81 -21.75 -30.73 0.87
C LEU A 81 -21.70 -29.98 2.20
N ASP A 82 -20.50 -29.64 2.64
CA ASP A 82 -20.33 -28.87 3.89
C ASP A 82 -20.87 -27.46 3.73
N ALA A 83 -20.59 -26.81 2.58
CA ALA A 83 -21.20 -25.50 2.33
C ALA A 83 -22.76 -25.57 2.29
N ALA A 84 -23.31 -26.64 1.71
CA ALA A 84 -24.77 -26.79 1.64
C ALA A 84 -25.38 -27.00 3.02
N GLU A 85 -24.75 -27.85 3.83
CA GLU A 85 -25.17 -28.05 5.23
C GLU A 85 -25.12 -26.74 6.01
N SER A 86 -24.08 -25.96 5.82
CA SER A 86 -23.99 -24.66 6.51
C SER A 86 -25.12 -23.69 6.08
N PHE A 87 -25.48 -23.70 4.79
CA PHE A 87 -26.63 -22.90 4.33
C PHE A 87 -27.91 -23.33 5.07
N LEU A 88 -28.14 -24.63 5.11
CA LEU A 88 -29.34 -25.17 5.70
C LEU A 88 -29.41 -24.86 7.21
N SER A 89 -28.29 -25.05 7.91
CA SER A 89 -28.21 -24.79 9.35
CA SER A 89 -28.21 -24.79 9.35
C SER A 89 -28.48 -23.32 9.67
N HIS A 90 -27.92 -22.41 8.87
CA HIS A 90 -28.16 -20.99 9.10
C HIS A 90 -29.57 -20.54 8.77
N ALA A 91 -30.27 -21.28 7.89
CA ALA A 91 -31.62 -20.92 7.53
C ALA A 91 -32.59 -20.95 8.74
N LYS A 92 -32.31 -21.86 9.66
CA LYS A 92 -33.09 -21.98 10.90
C LYS A 92 -33.04 -20.70 11.74
N GLY A 93 -31.84 -20.08 11.80
CA GLY A 93 -31.64 -18.80 12.48
C GLY A 93 -31.97 -17.51 11.73
N ALA A 94 -32.17 -17.56 10.41
CA ALA A 94 -32.11 -16.34 9.58
C ALA A 94 -33.20 -15.32 9.87
N ASN A 95 -34.37 -15.78 10.30
CA ASN A 95 -35.51 -14.88 10.62
C ASN A 95 -35.41 -14.01 11.86
N GLY A 96 -34.57 -14.41 12.82
CA GLY A 96 -34.46 -13.68 14.08
C GLY A 96 -33.57 -12.45 13.94
N SER A 97 -33.90 -11.41 14.70
CA SER A 97 -33.17 -10.15 14.63
C SER A 97 -31.86 -10.25 15.42
N LEU A 98 -30.78 -9.78 14.80
CA LEU A 98 -29.46 -9.87 15.38
C LEU A 98 -29.16 -11.29 15.85
N THR A 99 -29.28 -12.23 14.92
CA THR A 99 -28.84 -13.59 15.15
C THR A 99 -27.82 -13.91 14.06
N GLY A 100 -26.93 -14.84 14.34
CA GLY A 100 -25.93 -15.25 13.37
C GLY A 100 -24.78 -14.24 13.24
N PRO A 101 -23.91 -14.46 12.25
CA PRO A 101 -22.76 -13.61 11.98
C PRO A 101 -23.12 -12.19 11.70
N LEU A 102 -22.33 -11.27 12.24
CA LEU A 102 -22.42 -9.85 11.90
C LEU A 102 -20.98 -9.38 11.99
N THR A 103 -20.44 -8.87 10.90
CA THR A 103 -19.10 -8.35 10.88
C THR A 103 -19.17 -6.84 11.00
N VAL A 104 -18.51 -6.31 12.03
CA VAL A 104 -18.60 -4.91 12.41
C VAL A 104 -17.21 -4.29 12.24
N GLY A 105 -17.13 -3.25 11.42
CA GLY A 105 -15.92 -2.50 11.26
C GLY A 105 -15.94 -1.37 12.27
N ILE A 106 -14.79 -1.08 12.90
CA ILE A 106 -14.71 0.03 13.83
C ILE A 106 -13.37 0.74 13.69
N ILE A 107 -13.39 2.08 13.72
CA ILE A 107 -12.19 2.89 13.65
C ILE A 107 -11.29 2.71 14.89
N PRO A 108 -9.95 2.74 14.70
CA PRO A 108 -9.05 2.41 15.81
C PRO A 108 -9.08 3.30 17.04
N THR A 109 -9.53 4.54 16.90
CA THR A 109 -9.64 5.44 18.06
C THR A 109 -11.01 5.37 18.76
N ALA A 110 -11.89 4.48 18.28
CA ALA A 110 -13.09 4.13 19.04
C ALA A 110 -13.07 2.68 19.54
N ALA A 111 -12.58 1.74 18.71
CA ALA A 111 -12.65 0.30 18.98
C ALA A 111 -12.27 -0.18 20.38
N PRO A 112 -11.03 0.06 20.82
CA PRO A 112 -10.62 -0.49 22.09
C PRO A 112 -11.47 0.02 23.28
N TYR A 113 -12.12 1.17 23.13
CA TYR A 113 -12.82 1.84 24.20
C TYR A 113 -14.29 1.50 24.22
N ILE A 114 -14.85 1.18 23.07
CA ILE A 114 -16.26 0.78 22.97
C ILE A 114 -16.45 -0.74 23.08
N LEU A 115 -15.45 -1.51 22.70
CA LEU A 115 -15.62 -2.99 22.59
C LEU A 115 -15.95 -3.68 23.91
N PRO A 116 -15.31 -3.29 25.02
CA PRO A 116 -15.65 -4.08 26.23
C PRO A 116 -17.15 -4.11 26.51
N SER A 117 -17.79 -2.95 26.49
CA SER A 117 -19.21 -2.82 26.79
C SER A 117 -20.05 -3.39 25.67
N MET A 118 -19.71 -3.11 24.43
CA MET A 118 -20.50 -3.66 23.34
C MET A 118 -20.52 -5.16 23.38
N LEU A 119 -19.35 -5.78 23.55
CA LEU A 119 -19.23 -7.24 23.54
C LEU A 119 -19.94 -7.89 24.73
N SER A 120 -19.92 -7.23 25.89
CA SER A 120 -20.60 -7.75 27.08
C SER A 120 -22.12 -7.68 26.92
N ILE A 121 -22.65 -6.59 26.37
CA ILE A 121 -24.08 -6.44 26.07
C ILE A 121 -24.55 -7.52 25.10
N VAL A 122 -23.77 -7.72 24.05
CA VAL A 122 -24.07 -8.71 23.04
C VAL A 122 -24.06 -10.10 23.63
N ASP A 123 -23.02 -10.44 24.36
CA ASP A 123 -22.92 -11.78 25.00
C ASP A 123 -24.13 -12.10 25.89
N GLU A 124 -24.56 -11.13 26.68
CA GLU A 124 -25.68 -11.32 27.62
C GLU A 124 -27.06 -11.21 26.96
N GLU A 125 -27.27 -10.23 26.10
CA GLU A 125 -28.62 -9.86 25.64
C GLU A 125 -28.94 -10.28 24.22
N TYR A 126 -27.91 -10.58 23.42
CA TYR A 126 -28.09 -11.06 22.06
C TYR A 126 -27.21 -12.30 21.87
N PRO A 127 -27.49 -13.37 22.65
CA PRO A 127 -26.58 -14.53 22.71
C PRO A 127 -26.41 -15.33 21.41
N ASP A 128 -27.35 -15.19 20.49
CA ASP A 128 -27.24 -15.86 19.17
C ASP A 128 -26.48 -15.00 18.12
N LEU A 129 -26.10 -13.76 18.48
CA LEU A 129 -25.28 -12.93 17.61
C LEU A 129 -23.85 -13.43 17.69
N GLU A 130 -23.19 -13.53 16.53
CA GLU A 130 -21.79 -14.00 16.42
C GLU A 130 -20.98 -12.86 15.84
N PRO A 131 -20.52 -11.94 16.69
CA PRO A 131 -19.83 -10.79 16.16
C PRO A 131 -18.40 -11.10 15.70
N HIS A 132 -17.99 -10.44 14.62
CA HIS A 132 -16.65 -10.46 14.09
C HIS A 132 -16.29 -9.00 13.95
N ILE A 133 -15.09 -8.65 14.38
CA ILE A 133 -14.69 -7.29 14.53
C ILE A 133 -13.53 -7.05 13.59
N VAL A 134 -13.65 -6.01 12.76
CA VAL A 134 -12.56 -5.56 11.94
C VAL A 134 -12.21 -4.11 12.33
N GLU A 135 -11.04 -3.94 12.92
CA GLU A 135 -10.60 -2.63 13.38
C GLU A 135 -9.69 -2.12 12.26
N ASP A 136 -10.09 -1.03 11.60
CA ASP A 136 -9.28 -0.49 10.50
C ASP A 136 -9.67 0.96 10.29
N GLN A 137 -8.84 1.66 9.55
CA GLN A 137 -9.08 3.08 9.25
CA GLN A 137 -9.06 3.08 9.25
C GLN A 137 -10.26 3.26 8.32
N THR A 138 -10.82 4.46 8.37
CA THR A 138 -12.09 4.80 7.76
C THR A 138 -12.19 4.40 6.25
N LYS A 139 -11.18 4.79 5.47
CA LYS A 139 -11.13 4.54 4.05
C LYS A 139 -11.18 3.06 3.77
N HIS A 140 -10.47 2.26 4.57
CA HIS A 140 -10.53 0.79 4.41
C HIS A 140 -11.88 0.24 4.81
N LEU A 141 -12.46 0.74 5.91
CA LEU A 141 -13.80 0.28 6.30
C LEU A 141 -14.84 0.58 5.21
N LEU A 142 -14.79 1.75 4.59
CA LEU A 142 -15.74 2.07 3.51
C LEU A 142 -15.55 1.15 2.30
N ALA A 143 -14.31 0.78 1.99
CA ALA A 143 -14.03 -0.15 0.87
C ALA A 143 -14.56 -1.55 1.19
N LEU A 144 -14.35 -2.02 2.42
CA LEU A 144 -14.86 -3.32 2.86
C LEU A 144 -16.40 -3.33 2.82
N LEU A 145 -16.97 -2.19 3.21
CA LEU A 145 -18.49 -2.10 3.17
CA LEU A 145 -18.44 -2.03 3.13
C LEU A 145 -19.12 -2.13 1.66
N ARG A 146 -18.34 -1.48 0.81
CA ARG A 146 -18.72 -1.50 -0.61
C ARG A 146 -18.59 -2.92 -1.19
N ASP A 147 -17.55 -3.67 -0.79
CA ASP A 147 -17.31 -5.03 -1.31
C ASP A 147 -18.12 -6.11 -0.59
N GLY A 148 -18.82 -5.74 0.47
CA GLY A 148 -19.62 -6.67 1.26
C GLY A 148 -18.82 -7.49 2.28
N ALA A 149 -17.56 -7.14 2.51
CA ALA A 149 -16.70 -7.90 3.43
C ALA A 149 -17.00 -7.58 4.89
N ILE A 150 -17.60 -6.42 5.15
CA ILE A 150 -18.23 -6.14 6.44
C ILE A 150 -19.65 -5.67 6.23
N ASP A 151 -20.46 -5.79 7.27
CA ASP A 151 -21.89 -5.46 7.24
C ASP A 151 -22.20 -4.03 7.66
N VAL A 152 -21.53 -3.57 8.72
CA VAL A 152 -21.72 -2.22 9.22
C VAL A 152 -20.37 -1.66 9.68
N ALA A 153 -20.27 -0.34 9.77
CA ALA A 153 -19.01 0.28 10.18
C ALA A 153 -19.31 1.44 11.11
N MET A 154 -18.59 1.48 12.23
CA MET A 154 -18.74 2.58 13.18
C MET A 154 -17.57 3.52 12.90
N MET A 155 -17.89 4.77 12.64
CA MET A 155 -16.89 5.76 12.24
C MET A 155 -17.43 7.16 12.46
N ALA A 156 -16.59 8.16 12.27
CA ALA A 156 -17.04 9.55 12.33
C ALA A 156 -17.85 9.94 11.10
N LEU A 157 -18.85 10.77 11.33
CA LEU A 157 -19.69 11.29 10.29
C LEU A 157 -19.30 12.75 9.99
N PRO A 158 -19.55 13.23 8.76
CA PRO A 158 -20.13 12.51 7.60
C PRO A 158 -19.15 11.50 6.98
N SER A 159 -19.66 10.37 6.49
CA SER A 159 -18.82 9.39 5.81
C SER A 159 -18.41 9.92 4.41
N GLU A 160 -19.27 10.76 3.84
CA GLU A 160 -19.10 11.29 2.48
C GLU A 160 -18.96 10.18 1.42
N ALA A 161 -19.69 9.09 1.65
CA ALA A 161 -19.64 7.92 0.81
C ALA A 161 -21.01 7.77 0.15
N PRO A 162 -21.09 7.97 -1.18
CA PRO A 162 -22.39 7.75 -1.82
C PRO A 162 -22.78 6.27 -1.71
N GLY A 163 -24.08 5.99 -1.70
CA GLY A 163 -24.54 4.63 -1.52
C GLY A 163 -24.53 4.07 -0.09
N MET A 164 -24.17 4.88 0.89
CA MET A 164 -24.24 4.45 2.30
C MET A 164 -25.38 5.14 3.03
N LYS A 165 -25.98 4.45 4.01
CA LYS A 165 -26.86 5.09 4.97
C LYS A 165 -26.09 5.26 6.28
N GLU A 166 -26.43 6.33 7.00
CA GLU A 166 -25.75 6.69 8.23
C GLU A 166 -26.79 6.79 9.34
N ILE A 167 -26.52 6.11 10.45
CA ILE A 167 -27.32 6.26 11.65
C ILE A 167 -26.45 7.04 12.65
N PRO A 168 -26.85 8.29 12.98
CA PRO A 168 -26.07 9.02 13.97
C PRO A 168 -26.19 8.36 15.35
N LEU A 169 -25.08 8.17 16.03
CA LEU A 169 -25.07 7.47 17.32
C LEU A 169 -24.94 8.46 18.48
N TYR A 170 -23.85 9.22 18.49
CA TYR A 170 -23.58 10.18 19.56
C TYR A 170 -22.49 11.17 19.18
N ASP A 171 -22.43 12.27 19.93
CA ASP A 171 -21.29 13.19 19.92
C ASP A 171 -20.35 12.86 21.07
N GLU A 172 -19.08 12.63 20.76
CA GLU A 172 -18.09 12.30 21.78
C GLU A 172 -17.15 13.48 21.93
N ASP A 173 -17.06 14.02 23.15
CA ASP A 173 -16.17 15.16 23.41
C ASP A 173 -14.72 14.74 23.36
N PHE A 174 -13.86 15.67 22.99
CA PHE A 174 -12.43 15.51 23.23
C PHE A 174 -12.03 16.05 24.62
N ILE A 175 -10.83 15.69 25.04
CA ILE A 175 -10.18 16.23 26.21
C ILE A 175 -8.72 16.48 25.81
N VAL A 176 -8.12 17.52 26.37
CA VAL A 176 -6.72 17.84 26.15
C VAL A 176 -5.87 17.09 27.12
N VAL A 177 -4.80 16.49 26.65
CA VAL A 177 -3.88 15.74 27.49
C VAL A 177 -2.51 16.38 27.41
N THR A 178 -1.91 16.65 28.56
CA THR A 178 -0.60 17.30 28.65
C THR A 178 0.27 16.57 29.65
N ALA A 179 1.55 16.89 29.64
CA ALA A 179 2.42 16.48 30.74
C ALA A 179 1.91 17.11 32.04
N SER A 180 2.11 16.42 33.13
CA SER A 180 1.75 16.92 34.47
C SER A 180 2.21 18.35 34.78
N ASP A 181 3.42 18.70 34.38
CA ASP A 181 3.98 20.03 34.65
C ASP A 181 3.65 21.12 33.58
N HIS A 182 2.80 20.82 32.62
CA HIS A 182 2.46 21.79 31.58
C HIS A 182 1.65 22.94 32.17
N PRO A 183 1.82 24.16 31.66
CA PRO A 183 1.05 25.28 32.29
C PRO A 183 -0.49 25.25 32.12
N PHE A 184 -1.00 24.59 31.08
CA PHE A 184 -2.46 24.38 30.94
C PHE A 184 -3.01 23.18 31.75
N ALA A 185 -2.15 22.38 32.35
CA ALA A 185 -2.61 21.19 33.07
C ALA A 185 -3.76 21.55 34.04
N GLY A 186 -4.89 20.87 33.93
CA GLY A 186 -6.01 21.09 34.87
C GLY A 186 -6.93 22.23 34.55
N ARG A 187 -6.59 23.04 33.57
CA ARG A 187 -7.53 24.11 33.15
C ARG A 187 -8.80 23.57 32.53
N GLN A 188 -9.92 24.20 32.86
CA GLN A 188 -11.25 23.79 32.42
C GLN A 188 -11.93 24.86 31.55
N ASP A 189 -11.18 25.89 31.18
CA ASP A 189 -11.74 27.08 30.53
C ASP A 189 -10.96 27.48 29.27
N LEU A 190 -10.30 26.54 28.59
CA LEU A 190 -9.49 26.89 27.42
C LEU A 190 -10.40 27.36 26.29
N GLU A 191 -9.90 28.29 25.49
CA GLU A 191 -10.51 28.65 24.21
C GLU A 191 -9.79 27.89 23.13
N LEU A 192 -10.39 27.79 21.95
CA LEU A 192 -9.76 27.06 20.84
C LEU A 192 -8.38 27.61 20.48
N SER A 193 -8.24 28.92 20.57
CA SER A 193 -6.95 29.60 20.37
C SER A 193 -5.79 29.10 21.27
N ALA A 194 -6.10 28.50 22.42
CA ALA A 194 -5.08 27.84 23.23
C ALA A 194 -4.27 26.77 22.48
N LEU A 195 -4.87 26.19 21.44
CA LEU A 195 -4.18 25.19 20.62
C LEU A 195 -2.89 25.72 19.97
N GLU A 196 -2.86 27.02 19.67
CA GLU A 196 -1.68 27.71 19.13
C GLU A 196 -0.44 27.54 20.04
N ASP A 197 -0.70 27.50 21.34
CA ASP A 197 0.35 27.41 22.34
C ASP A 197 0.79 26.00 22.69
N LEU A 198 0.22 24.99 22.02
CA LEU A 198 0.60 23.59 22.25
C LEU A 198 1.46 23.12 21.10
N ASP A 199 2.42 22.24 21.39
CA ASP A 199 3.06 21.45 20.35
C ASP A 199 2.25 20.18 20.25
N LEU A 200 1.29 20.14 19.31
CA LEU A 200 0.39 19.02 19.19
C LEU A 200 1.08 17.83 18.56
N LEU A 201 0.97 16.67 19.22
CA LEU A 201 1.44 15.39 18.68
C LEU A 201 0.20 14.65 18.25
N LEU A 202 0.16 14.29 16.98
CA LEU A 202 -1.01 13.69 16.37
C LEU A 202 -0.75 12.28 15.87
N LEU A 203 -1.81 11.52 15.73
CA LEU A 203 -1.75 10.28 14.96
C LEU A 203 -1.45 10.68 13.50
N ASP A 204 -0.93 9.76 12.70
CA ASP A 204 -0.64 10.00 11.27
CA ASP A 204 -0.64 10.06 11.28
C ASP A 204 -1.92 10.35 10.48
N ASP A 205 -1.74 10.74 9.25
CA ASP A 205 -2.80 11.19 8.38
C ASP A 205 -3.93 10.27 8.12
N GLY A 206 -3.65 8.99 8.18
CA GLY A 206 -4.68 7.99 7.93
C GLY A 206 -5.81 7.92 8.97
N HIS A 207 -5.66 8.61 10.11
CA HIS A 207 -6.64 8.53 11.19
C HIS A 207 -7.55 9.73 11.15
N SER A 208 -8.87 9.50 11.22
CA SER A 208 -9.83 10.63 11.27
C SER A 208 -9.61 11.59 12.47
N LEU A 209 -9.09 11.08 13.59
CA LEU A 209 -8.77 11.94 14.73
C LEU A 209 -7.72 13.01 14.38
N HIS A 210 -6.69 12.65 13.62
CA HIS A 210 -5.74 13.63 13.06
C HIS A 210 -6.49 14.80 12.38
N ASP A 211 -7.32 14.48 11.40
CA ASP A 211 -8.04 15.48 10.61
C ASP A 211 -8.97 16.32 11.49
N GLN A 212 -9.59 15.69 12.48
CA GLN A 212 -10.50 16.42 13.36
C GLN A 212 -9.79 17.45 14.23
N ILE A 213 -8.59 17.10 14.70
CA ILE A 213 -7.80 18.01 15.52
C ILE A 213 -7.28 19.15 14.62
N VAL A 214 -6.83 18.82 13.43
CA VAL A 214 -6.42 19.85 12.46
C VAL A 214 -7.56 20.83 12.20
N ASP A 215 -8.79 20.34 12.01
CA ASP A 215 -9.93 21.25 11.78
CA ASP A 215 -9.93 21.25 11.78
C ASP A 215 -10.24 22.15 12.98
N LEU A 216 -10.03 21.62 14.18
CA LEU A 216 -10.23 22.39 15.39
C LEU A 216 -9.26 23.56 15.45
N CYS A 217 -8.00 23.30 15.09
CA CYS A 217 -6.97 24.34 15.02
C CYS A 217 -7.35 25.42 14.00
N ARG A 218 -7.92 25.04 12.85
CA ARG A 218 -8.35 26.02 11.84
C ARG A 218 -9.50 26.92 12.34
N ARG A 219 -10.46 26.34 13.04
CA ARG A 219 -11.50 27.14 13.69
C ARG A 219 -10.92 28.15 14.70
N GLY A 220 -9.93 27.73 15.48
CA GLY A 220 -9.20 28.62 16.39
C GLY A 220 -8.37 29.72 15.75
N ASP A 221 -7.90 29.48 14.52
CA ASP A 221 -7.16 30.43 13.70
C ASP A 221 -8.12 31.24 12.85
N VAL A 231 9.25 15.38 11.55
CA VAL A 231 7.93 15.32 12.29
C VAL A 231 7.46 13.98 12.99
N THR A 232 7.40 14.15 14.30
CA THR A 232 6.94 13.10 15.21
C THR A 232 5.48 12.73 14.91
N ARG A 233 5.28 11.45 14.55
N ARG A 233 5.28 11.45 14.55
CA ARG A 233 3.98 10.88 14.15
CA ARG A 233 4.00 10.86 14.14
C ARG A 233 3.83 9.51 14.79
C ARG A 233 3.83 9.50 14.82
N ALA A 234 2.61 9.18 15.22
CA ALA A 234 2.32 7.90 15.85
C ALA A 234 1.14 7.20 15.22
N SER A 235 1.09 5.87 15.31
CA SER A 235 -0.04 5.12 14.85
C SER A 235 -1.06 4.77 15.95
N SER A 236 -0.70 4.93 17.23
CA SER A 236 -1.63 4.66 18.33
C SER A 236 -1.57 5.73 19.43
N LEU A 237 -2.70 5.90 20.10
CA LEU A 237 -2.80 6.81 21.21
C LEU A 237 -1.88 6.45 22.36
N THR A 238 -1.62 5.17 22.58
CA THR A 238 -0.72 4.77 23.66
C THR A 238 0.70 5.29 23.42
N THR A 239 1.17 5.23 22.17
CA THR A 239 2.46 5.81 21.82
C THR A 239 2.45 7.33 22.02
N VAL A 240 1.38 7.98 21.64
CA VAL A 240 1.28 9.42 21.82
C VAL A 240 1.40 9.78 23.33
N MET A 241 0.76 8.99 24.18
CA MET A 241 0.80 9.26 25.61
C MET A 241 2.22 9.21 26.14
N GLN A 242 3.00 8.25 25.67
CA GLN A 242 4.40 8.15 26.11
C GLN A 242 5.19 9.40 25.71
N LEU A 243 4.90 9.92 24.50
CA LEU A 243 5.56 11.15 24.02
C LEU A 243 5.15 12.35 24.90
N VAL A 244 3.86 12.38 25.28
CA VAL A 244 3.36 13.46 26.12
C VAL A 244 4.00 13.41 27.51
N VAL A 245 4.10 12.20 28.09
CA VAL A 245 4.73 12.05 29.43
C VAL A 245 6.16 12.53 29.38
N ALA A 246 6.87 12.21 28.28
CA ALA A 246 8.26 12.63 28.10
C ALA A 246 8.45 14.12 27.80
N GLY A 247 7.36 14.90 27.75
CA GLY A 247 7.45 16.36 27.53
C GLY A 247 7.66 16.77 26.08
N LEU A 248 7.40 15.88 25.13
CA LEU A 248 7.59 16.19 23.71
C LEU A 248 6.41 16.90 23.10
N GLY A 249 5.30 17.07 23.83
CA GLY A 249 4.11 17.70 23.29
C GLY A 249 2.85 17.40 24.05
N SER A 250 1.74 17.90 23.51
CA SER A 250 0.42 17.69 24.07
C SER A 250 -0.45 17.04 23.00
N THR A 251 -1.63 16.55 23.38
CA THR A 251 -2.57 16.04 22.38
C THR A 251 -4.02 16.17 22.83
N LEU A 252 -4.94 15.73 21.98
CA LEU A 252 -6.36 15.59 22.32
C LEU A 252 -6.77 14.16 22.07
N VAL A 253 -7.58 13.62 22.98
CA VAL A 253 -8.13 12.26 22.79
C VAL A 253 -9.64 12.28 23.02
N PRO A 254 -10.34 11.30 22.47
CA PRO A 254 -11.78 11.19 22.77
C PRO A 254 -11.97 10.77 24.21
N ILE A 255 -13.03 11.25 24.85
CA ILE A 255 -13.21 10.95 26.29
C ILE A 255 -13.30 9.47 26.63
N SER A 256 -13.80 8.63 25.70
CA SER A 256 -13.85 7.18 25.93
C SER A 256 -12.47 6.58 26.13
N ALA A 257 -11.42 7.21 25.62
CA ALA A 257 -10.07 6.74 25.84
C ALA A 257 -9.52 6.99 27.29
N ILE A 258 -10.12 7.90 28.03
CA ILE A 258 -9.53 8.36 29.31
C ILE A 258 -9.10 7.21 30.25
N PRO A 259 -10.01 6.27 30.56
CA PRO A 259 -9.60 5.27 31.53
C PRO A 259 -8.52 4.33 31.03
N TRP A 260 -8.34 4.23 29.73
CA TRP A 260 -7.39 3.29 29.13
C TRP A 260 -6.02 3.89 28.85
N GLU A 261 -5.98 5.19 28.62
CA GLU A 261 -4.81 5.87 28.12
C GLU A 261 -4.26 6.98 29.05
N CYS A 262 -5.15 7.65 29.80
CA CYS A 262 -4.83 8.95 30.44
C CYS A 262 -4.67 8.92 31.94
N THR A 263 -4.63 7.74 32.55
CA THR A 263 -4.49 7.62 34.01
C THR A 263 -3.08 7.33 34.50
N ARG A 264 -2.14 7.15 33.61
N ARG A 264 -2.13 7.22 33.60
CA ARG A 264 -0.76 6.91 33.99
CA ARG A 264 -0.76 6.96 33.98
C ARG A 264 -0.23 8.11 34.81
C ARG A 264 -0.12 8.14 34.71
N PRO A 265 0.78 7.91 35.66
N PRO A 265 0.78 7.86 35.66
CA PRO A 265 1.18 8.98 36.60
CA PRO A 265 1.55 8.97 36.23
C PRO A 265 1.65 10.41 36.10
C PRO A 265 2.26 9.78 35.13
N GLY A 266 2.23 10.58 34.90
N GLY A 266 2.31 11.09 35.30
CA GLY A 266 2.84 11.88 34.43
CA GLY A 266 2.96 11.97 34.34
C GLY A 266 2.06 12.66 33.35
C GLY A 266 2.07 12.68 33.33
N LEU A 267 0.77 12.38 33.33
CA LEU A 267 -0.19 13.04 32.47
C LEU A 267 -1.14 13.89 33.28
N ALA A 268 -1.61 14.97 32.68
CA ALA A 268 -2.75 15.72 33.22
C ALA A 268 -3.67 16.01 32.06
N THR A 269 -4.88 16.46 32.40
CA THR A 269 -5.89 16.79 31.42
C THR A 269 -6.39 18.22 31.59
N ALA A 270 -6.99 18.73 30.54
CA ALA A 270 -7.60 20.04 30.51
C ALA A 270 -8.78 20.03 29.56
N ASN A 271 -9.67 21.00 29.67
CA ASN A 271 -10.81 21.10 28.77
C ASN A 271 -11.03 22.51 28.26
N PHE A 272 -11.69 22.58 27.12
CA PHE A 272 -12.18 23.83 26.60
C PHE A 272 -13.39 24.26 27.40
N ASN A 273 -13.69 25.55 27.37
CA ASN A 273 -14.82 26.13 28.10
C ASN A 273 -16.16 25.63 27.57
N SER A 274 -17.20 25.85 28.37
CA SER A 274 -18.55 25.40 28.09
C SER A 274 -19.12 25.83 26.72
N ASP A 275 -18.76 27.01 26.26
CA ASP A 275 -19.20 27.57 24.96
C ASP A 275 -18.49 26.99 23.73
N VAL A 276 -17.42 26.25 23.92
CA VAL A 276 -16.63 25.69 22.80
C VAL A 276 -17.13 24.30 22.44
N THR A 277 -17.24 24.05 21.14
CA THR A 277 -17.58 22.72 20.68
C THR A 277 -16.31 22.05 20.18
N ALA A 278 -15.96 20.95 20.80
CA ALA A 278 -14.77 20.18 20.45
C ALA A 278 -15.09 18.71 20.67
N ASN A 279 -15.63 18.11 19.62
CA ASN A 279 -16.16 16.75 19.70
C ASN A 279 -16.09 16.07 18.31
N ARG A 280 -16.44 14.79 18.24
CA ARG A 280 -16.64 14.12 16.96
C ARG A 280 -18.00 13.45 16.99
N ARG A 281 -18.64 13.39 15.83
CA ARG A 281 -19.94 12.73 15.67
C ARG A 281 -19.67 11.33 15.16
N ILE A 282 -20.05 10.33 15.96
CA ILE A 282 -19.89 8.95 15.62
C ILE A 282 -21.23 8.42 15.11
N GLY A 283 -21.14 7.56 14.10
CA GLY A 283 -22.30 6.99 13.43
C GLY A 283 -22.07 5.59 12.96
N LEU A 284 -23.17 4.92 12.61
CA LEU A 284 -23.14 3.56 12.12
C LEU A 284 -23.46 3.68 10.62
N VAL A 285 -22.55 3.15 9.81
CA VAL A 285 -22.65 3.29 8.36
C VAL A 285 -22.91 1.89 7.79
N TYR A 286 -23.85 1.80 6.84
CA TYR A 286 -24.10 0.56 6.09
C TYR A 286 -24.57 0.82 4.64
N ARG A 287 -24.55 -0.22 3.81
CA ARG A 287 -24.97 -0.06 2.38
C ARG A 287 -26.45 0.26 2.29
N SER A 288 -26.81 1.34 1.59
CA SER A 288 -28.22 1.76 1.52
C SER A 288 -29.08 0.76 0.72
N SER A 289 -28.45 -0.11 -0.06
CA SER A 289 -29.15 -1.24 -0.69
C SER A 289 -29.54 -2.35 0.30
N SER A 290 -28.99 -2.37 1.51
CA SER A 290 -29.33 -3.40 2.48
C SER A 290 -30.83 -3.33 2.85
N SER A 291 -31.41 -4.47 3.12
CA SER A 291 -32.77 -4.56 3.62
C SER A 291 -32.79 -4.69 5.15
N ARG A 292 -31.62 -4.63 5.80
CA ARG A 292 -31.52 -4.93 7.23
C ARG A 292 -31.57 -3.69 8.16
N ALA A 293 -32.17 -2.61 7.69
CA ALA A 293 -32.35 -1.40 8.46
C ALA A 293 -32.79 -1.66 9.89
N GLU A 294 -33.79 -2.50 10.07
CA GLU A 294 -34.39 -2.73 11.41
C GLU A 294 -33.36 -3.33 12.37
N GLU A 295 -32.63 -4.34 11.92
CA GLU A 295 -31.56 -4.92 12.72
C GLU A 295 -30.40 -3.97 12.99
N PHE A 296 -29.99 -3.22 11.98
CA PHE A 296 -28.90 -2.28 12.14
C PHE A 296 -29.28 -1.15 13.08
N GLU A 297 -30.54 -0.74 13.08
CA GLU A 297 -31.09 0.21 14.05
C GLU A 297 -31.06 -0.31 15.46
N GLN A 298 -31.31 -1.60 15.64
CA GLN A 298 -31.16 -2.22 16.95
C GLN A 298 -29.71 -2.29 17.33
N PHE A 299 -28.84 -2.60 16.38
CA PHE A 299 -27.42 -2.64 16.69
C PHE A 299 -26.94 -1.26 17.08
N ALA A 300 -27.46 -0.22 16.43
CA ALA A 300 -27.12 1.17 16.78
C ALA A 300 -27.44 1.45 18.26
N LEU A 301 -28.60 0.99 18.74
CA LEU A 301 -28.97 1.16 20.13
C LEU A 301 -27.93 0.54 21.08
N ILE A 302 -27.40 -0.63 20.72
CA ILE A 302 -26.35 -1.30 21.48
C ILE A 302 -25.10 -0.43 21.55
N LEU A 303 -24.70 0.13 20.43
CA LEU A 303 -23.55 0.99 20.38
C LEU A 303 -23.75 2.28 21.19
N GLN A 304 -24.94 2.87 21.14
CA GLN A 304 -25.24 4.05 21.97
C GLN A 304 -25.16 3.70 23.47
N ARG A 305 -25.63 2.52 23.83
CA ARG A 305 -25.55 2.06 25.23
C ARG A 305 -24.11 1.78 25.61
N ALA A 306 -23.35 1.13 24.73
CA ALA A 306 -21.95 0.88 24.98
C ALA A 306 -21.14 2.16 25.22
N PHE A 307 -21.44 3.18 24.44
CA PHE A 307 -20.79 4.47 24.58
C PHE A 307 -21.14 5.09 25.95
N GLN A 308 -22.40 5.03 26.35
CA GLN A 308 -22.83 5.54 27.68
C GLN A 308 -22.05 4.88 28.82
N GLU A 309 -21.80 3.58 28.70
CA GLU A 309 -20.98 2.87 29.66
C GLU A 309 -19.50 3.28 29.60
N ALA A 310 -18.97 3.51 28.42
CA ALA A 310 -17.61 4.03 28.27
C ALA A 310 -17.44 5.44 28.89
N VAL A 311 -18.48 6.25 28.73
CA VAL A 311 -18.52 7.58 29.28
C VAL A 311 -18.62 7.47 30.82
N ALA A 312 -19.40 6.53 31.33
CA ALA A 312 -19.49 6.32 32.78
C ALA A 312 -18.16 5.87 33.31
N LEU A 313 -17.44 5.02 32.58
CA LEU A 313 -16.10 4.61 33.01
C LEU A 313 -15.17 5.81 33.08
N ALA A 314 -15.24 6.68 32.08
CA ALA A 314 -14.48 7.94 32.12
C ALA A 314 -14.82 8.82 33.33
N ALA A 315 -16.11 9.00 33.61
CA ALA A 315 -16.55 9.75 34.77
C ALA A 315 -16.09 9.10 36.11
N SER A 316 -16.01 7.78 36.15
N SER A 316 -16.01 7.78 36.15
CA SER A 316 -15.59 7.06 37.34
CA SER A 316 -15.59 7.05 37.34
C SER A 316 -14.13 7.31 37.74
C SER A 316 -14.13 7.31 37.74
N THR A 317 -13.31 7.83 36.83
CA THR A 317 -11.92 8.10 37.15
C THR A 317 -11.76 9.30 38.09
N GLY A 318 -12.76 10.17 38.16
CA GLY A 318 -12.63 11.42 38.89
C GLY A 318 -12.04 12.61 38.13
N ILE A 319 -11.63 12.38 36.90
CA ILE A 319 -11.05 13.39 36.03
C ILE A 319 -12.21 14.24 35.55
N THR A 320 -12.07 15.56 35.62
CA THR A 320 -13.12 16.47 35.18
C THR A 320 -13.28 16.39 33.66
N LEU A 321 -14.53 16.21 33.20
CA LEU A 321 -14.84 16.10 31.78
C LEU A 321 -15.38 17.41 31.25
N LYS A 322 -15.35 17.56 29.93
CA LYS A 322 -15.93 18.70 29.26
C LYS A 322 -17.38 18.92 29.69
N GLN A 323 -17.73 20.17 29.96
CA GLN A 323 -19.11 20.59 30.21
C GLN A 323 -19.61 21.25 28.94
N ASN A 324 -20.90 21.06 28.64
CA ASN A 324 -21.58 21.65 27.47
C ASN A 324 -22.92 22.30 27.91
N SER B 1 -39.65 -20.54 10.57
CA SER B 1 -38.83 -21.72 10.17
C SER B 1 -39.01 -22.98 11.06
N HIS B 2 -39.93 -22.97 12.04
CA HIS B 2 -40.41 -24.24 12.59
C HIS B 2 -41.29 -24.97 11.55
N MET B 3 -41.88 -24.20 10.61
CA MET B 3 -42.61 -24.74 9.45
C MET B 3 -41.68 -25.33 8.37
N SER B 4 -40.36 -25.25 8.61
CA SER B 4 -39.32 -26.07 7.97
C SER B 4 -39.82 -27.48 7.63
N ASN B 5 -39.49 -27.98 6.45
CA ASN B 5 -39.73 -29.37 6.13
C ASN B 5 -38.43 -30.09 6.51
N LYS B 6 -38.53 -30.99 7.50
CA LYS B 6 -37.35 -31.64 8.10
C LYS B 6 -36.46 -32.41 7.13
N GLU B 7 -37.07 -33.18 6.23
CA GLU B 7 -36.31 -33.95 5.24
C GLU B 7 -35.87 -33.14 4.01
N TYR B 8 -36.40 -31.94 3.87
CA TYR B 8 -36.04 -31.06 2.77
C TYR B 8 -34.56 -30.66 2.71
N ARG B 9 -33.97 -30.83 1.53
CA ARG B 9 -32.59 -30.44 1.26
C ARG B 9 -32.62 -29.55 0.01
N PRO B 10 -32.08 -28.33 0.08
CA PRO B 10 -32.09 -27.51 -1.13
C PRO B 10 -31.22 -28.11 -2.24
N THR B 11 -31.63 -27.86 -3.47
CA THR B 11 -30.82 -28.25 -4.62
C THR B 11 -29.95 -27.09 -5.05
N LEU B 12 -28.89 -27.39 -5.76
CA LEU B 12 -28.10 -26.33 -6.38
C LEU B 12 -28.97 -25.46 -7.31
N ALA B 13 -29.89 -26.07 -8.05
CA ALA B 13 -30.76 -25.29 -8.96
C ALA B 13 -31.58 -24.29 -8.20
N GLN B 14 -32.08 -24.66 -7.03
CA GLN B 14 -32.84 -23.72 -6.22
C GLN B 14 -31.99 -22.60 -5.71
N LEU B 15 -30.77 -22.91 -5.28
CA LEU B 15 -29.85 -21.90 -4.83
C LEU B 15 -29.47 -20.94 -5.94
N ARG B 16 -29.25 -21.46 -7.17
CA ARG B 16 -28.95 -20.59 -8.31
C ARG B 16 -30.10 -19.62 -8.54
N THR B 17 -31.33 -20.12 -8.49
CA THR B 17 -32.48 -19.24 -8.62
C THR B 17 -32.49 -18.14 -7.58
N PHE B 18 -32.29 -18.49 -6.33
CA PHE B 18 -32.27 -17.48 -5.25
C PHE B 18 -31.19 -16.42 -5.48
N VAL B 19 -29.98 -16.87 -5.76
CA VAL B 19 -28.84 -15.97 -5.88
C VAL B 19 -29.04 -15.04 -7.10
N THR B 20 -29.49 -15.65 -8.18
CA THR B 20 -29.70 -14.82 -9.40
CA THR B 20 -29.77 -14.88 -9.38
C THR B 20 -30.88 -13.69 -9.29
N ILE B 21 -31.90 -14.11 -8.57
CA ILE B 21 -32.95 -13.13 -8.26
C ILE B 21 -32.40 -12.02 -7.35
N ALA B 22 -31.64 -12.40 -6.34
CA ALA B 22 -31.05 -11.43 -5.38
C ALA B 22 -30.14 -10.42 -6.08
N GLU B 23 -29.32 -10.92 -7.01
CA GLU B 23 -28.44 -10.13 -7.89
C GLU B 23 -29.10 -9.29 -9.03
N CYS B 24 -30.10 -9.86 -9.73
CA CYS B 24 -30.82 -9.16 -10.83
C CYS B 24 -31.89 -8.18 -10.38
N LYS B 25 -32.51 -8.44 -9.23
CA LYS B 25 -33.60 -7.62 -8.67
C LYS B 25 -34.86 -7.51 -9.60
N HIS B 26 -35.00 -8.50 -10.48
CA HIS B 26 -36.12 -8.59 -11.41
C HIS B 26 -36.29 -10.06 -11.76
N PHE B 27 -37.51 -10.57 -11.65
CA PHE B 27 -37.81 -11.98 -11.95
C PHE B 27 -37.55 -12.30 -13.41
N GLY B 28 -38.03 -11.43 -14.30
CA GLY B 28 -37.87 -11.64 -15.76
C GLY B 28 -36.42 -11.69 -16.19
N THR B 29 -35.62 -10.75 -15.72
CA THR B 29 -34.18 -10.74 -16.00
C THR B 29 -33.55 -11.99 -15.41
N ALA B 30 -33.96 -12.37 -14.18
CA ALA B 30 -33.36 -13.54 -13.52
C ALA B 30 -33.67 -14.80 -14.31
N ALA B 31 -34.90 -14.90 -14.78
CA ALA B 31 -35.35 -16.07 -15.53
C ALA B 31 -34.60 -16.20 -16.84
N THR B 32 -34.43 -15.09 -17.54
CA THR B 32 -33.70 -15.09 -18.83
C THR B 32 -32.25 -15.45 -18.57
N LYS B 33 -31.68 -14.96 -17.47
CA LYS B 33 -30.28 -15.31 -17.12
C LYS B 33 -30.08 -16.82 -16.97
N LEU B 34 -31.09 -17.50 -16.41
CA LEU B 34 -31.04 -18.95 -16.16
C LEU B 34 -31.63 -19.79 -17.27
N SER B 35 -32.07 -19.15 -18.36
CA SER B 35 -32.71 -19.83 -19.50
C SER B 35 -33.93 -20.67 -19.07
N ILE B 36 -34.78 -20.12 -18.22
CA ILE B 36 -36.03 -20.76 -17.82
C ILE B 36 -37.14 -19.75 -17.88
N SER B 37 -38.36 -20.24 -17.83
CA SER B 37 -39.55 -19.40 -17.79
C SER B 37 -39.72 -18.76 -16.41
N GLN B 38 -40.47 -17.66 -16.36
CA GLN B 38 -40.81 -17.00 -15.11
C GLN B 38 -41.63 -17.89 -14.14
N PRO B 39 -42.61 -18.66 -14.66
CA PRO B 39 -43.24 -19.66 -13.78
C PRO B 39 -42.25 -20.68 -13.17
N SER B 40 -41.30 -21.20 -13.97
CA SER B 40 -40.29 -22.14 -13.45
C SER B 40 -39.41 -21.53 -12.37
N LEU B 41 -39.00 -20.29 -12.60
CA LEU B 41 -38.22 -19.53 -11.62
C LEU B 41 -38.99 -19.39 -10.32
N SER B 42 -40.24 -18.94 -10.40
CA SER B 42 -41.05 -18.74 -9.18
C SER B 42 -41.31 -20.07 -8.43
N GLN B 43 -41.53 -21.16 -9.16
CA GLN B 43 -41.68 -22.49 -8.58
C GLN B 43 -40.43 -22.95 -7.80
N ALA B 44 -39.26 -22.73 -8.38
CA ALA B 44 -37.99 -23.03 -7.72
C ALA B 44 -37.81 -22.19 -6.45
N LEU B 45 -38.09 -20.90 -6.55
CA LEU B 45 -37.95 -20.03 -5.39
C LEU B 45 -38.93 -20.42 -4.29
N VAL B 46 -40.20 -20.65 -4.63
CA VAL B 46 -41.24 -21.01 -3.66
C VAL B 46 -40.94 -22.39 -3.03
N ALA B 47 -40.41 -23.32 -3.79
CA ALA B 47 -39.97 -24.61 -3.26
C ALA B 47 -38.86 -24.42 -2.22
N LEU B 48 -37.92 -23.53 -2.51
CA LEU B 48 -36.86 -23.20 -1.57
C LEU B 48 -37.44 -22.56 -0.29
N GLU B 49 -38.26 -21.54 -0.53
CA GLU B 49 -38.85 -20.84 0.66
CA GLU B 49 -38.90 -20.84 0.59
C GLU B 49 -39.84 -21.68 1.61
N THR B 50 -40.56 -22.56 0.90
CA THR B 50 -41.43 -23.49 1.60
C THR B 50 -40.62 -24.56 2.33
N GLY B 51 -39.63 -25.13 1.63
CA GLY B 51 -38.75 -26.12 2.22
C GLY B 51 -38.02 -25.62 3.46
N LEU B 52 -37.54 -24.39 3.39
CA LEU B 52 -36.88 -23.74 4.53
C LEU B 52 -37.82 -23.13 5.59
N GLY B 53 -39.06 -22.80 5.23
CA GLY B 53 -39.96 -22.07 6.11
C GLY B 53 -39.51 -20.61 6.30
N VAL B 54 -38.77 -20.08 5.34
CA VAL B 54 -38.21 -18.74 5.40
C VAL B 54 -38.50 -18.03 4.08
N GLN B 55 -39.09 -16.85 4.16
CA GLN B 55 -39.28 -15.97 3.01
C GLN B 55 -37.94 -15.25 2.68
N LEU B 56 -37.43 -15.47 1.48
CA LEU B 56 -36.15 -14.92 1.01
C LEU B 56 -36.29 -13.68 0.14
N ILE B 57 -37.42 -13.50 -0.51
CA ILE B 57 -37.65 -12.37 -1.44
C ILE B 57 -39.06 -11.83 -1.22
N GLU B 58 -39.19 -10.52 -1.18
CA GLU B 58 -40.46 -9.87 -1.03
C GLU B 58 -40.88 -9.45 -2.43
N ARG B 59 -41.86 -10.15 -3.00
CA ARG B 59 -42.34 -9.86 -4.34
C ARG B 59 -42.82 -8.41 -4.46
N ARG B 62 -43.12 -3.56 -6.63
CA ARG B 62 -42.94 -3.42 -8.07
C ARG B 62 -41.57 -3.95 -8.48
N LYS B 63 -40.69 -4.11 -7.50
CA LYS B 63 -39.35 -4.60 -7.75
C LYS B 63 -38.95 -5.65 -6.73
N VAL B 64 -38.00 -6.49 -7.12
CA VAL B 64 -37.54 -7.55 -6.25
C VAL B 64 -36.59 -7.08 -5.16
N ILE B 65 -37.00 -7.30 -3.92
CA ILE B 65 -36.21 -6.97 -2.75
C ILE B 65 -35.94 -8.19 -1.89
N VAL B 66 -34.69 -8.38 -1.51
CA VAL B 66 -34.31 -9.52 -0.69
C VAL B 66 -34.74 -9.19 0.73
N THR B 67 -35.34 -10.15 1.44
CA THR B 67 -35.73 -9.94 2.86
C THR B 67 -34.47 -9.92 3.76
N PRO B 68 -34.64 -9.49 5.03
CA PRO B 68 -33.51 -9.62 5.96
C PRO B 68 -32.91 -11.03 6.01
N ALA B 69 -33.78 -12.03 6.11
CA ALA B 69 -33.35 -13.43 6.07
C ALA B 69 -32.61 -13.80 4.79
N GLY B 70 -33.13 -13.36 3.66
CA GLY B 70 -32.47 -13.61 2.36
C GLY B 70 -31.07 -12.98 2.29
N GLU B 71 -30.95 -11.75 2.80
CA GLU B 71 -29.67 -11.07 2.80
C GLU B 71 -28.64 -11.81 3.68
N LYS B 72 -29.09 -12.33 4.82
CA LYS B 72 -28.21 -13.11 5.68
C LYS B 72 -27.83 -14.46 5.09
N LEU B 73 -28.73 -15.10 4.37
CA LEU B 73 -28.42 -16.41 3.78
C LEU B 73 -27.67 -16.34 2.43
N LEU B 74 -27.72 -15.18 1.82
CA LEU B 74 -27.12 -15.05 0.44
CA LEU B 74 -27.11 -15.05 0.48
C LEU B 74 -25.54 -15.47 0.32
N PRO B 75 -24.81 -15.03 1.33
CA PRO B 75 -23.40 -15.49 1.30
C PRO B 75 -23.20 -17.00 1.45
N PHE B 76 -24.07 -17.65 2.19
CA PHE B 76 -23.97 -19.12 2.36
C PHE B 76 -24.41 -19.83 1.08
N ALA B 77 -25.41 -19.28 0.40
CA ALA B 77 -25.85 -19.81 -0.88
C ALA B 77 -24.72 -19.67 -1.90
N LYS B 78 -24.15 -18.47 -1.99
CA LYS B 78 -22.99 -18.24 -2.87
C LYS B 78 -21.83 -19.17 -2.60
N SER B 79 -21.47 -19.40 -1.33
CA SER B 79 -20.37 -20.34 -1.01
C SER B 79 -20.65 -21.73 -1.55
N THR B 80 -21.92 -22.16 -1.49
CA THR B 80 -22.28 -23.49 -1.96
C THR B 80 -22.08 -23.60 -3.48
N LEU B 81 -22.58 -22.58 -4.18
CA LEU B 81 -22.48 -22.53 -5.65
C LEU B 81 -21.01 -22.44 -6.09
N ASP B 82 -20.20 -21.68 -5.33
CA ASP B 82 -18.77 -21.56 -5.61
CA ASP B 82 -18.76 -21.56 -5.61
C ASP B 82 -18.04 -22.88 -5.36
N ALA B 83 -18.37 -23.56 -4.26
CA ALA B 83 -17.80 -24.90 -4.04
C ALA B 83 -18.20 -25.88 -5.16
N ALA B 84 -19.44 -25.82 -5.64
CA ALA B 84 -19.88 -26.74 -6.70
C ALA B 84 -19.16 -26.45 -8.02
N GLU B 85 -19.03 -25.17 -8.37
CA GLU B 85 -18.26 -24.76 -9.56
C GLU B 85 -16.81 -25.24 -9.47
N SER B 86 -16.21 -25.09 -8.29
CA SER B 86 -14.84 -25.57 -8.11
C SER B 86 -14.72 -27.11 -8.26
N PHE B 87 -15.71 -27.86 -7.79
CA PHE B 87 -15.73 -29.33 -8.00
C PHE B 87 -15.75 -29.62 -9.50
N LEU B 88 -16.64 -28.95 -10.21
CA LEU B 88 -16.81 -29.20 -11.64
C LEU B 88 -15.54 -28.85 -12.43
N SER B 89 -14.93 -27.71 -12.11
CA SER B 89 -13.71 -27.33 -12.82
C SER B 89 -12.60 -28.31 -12.56
N HIS B 90 -12.44 -28.71 -11.31
CA HIS B 90 -11.41 -29.68 -10.97
C HIS B 90 -11.60 -31.01 -11.71
N ALA B 91 -12.85 -31.38 -11.93
CA ALA B 91 -13.17 -32.69 -12.55
C ALA B 91 -12.58 -32.79 -13.93
N LYS B 92 -12.54 -31.68 -14.64
CA LYS B 92 -11.96 -31.59 -15.99
C LYS B 92 -10.46 -31.90 -15.94
N GLY B 93 -9.77 -31.42 -14.89
CA GLY B 93 -8.35 -31.73 -14.64
C GLY B 93 -7.98 -33.05 -13.97
N ALA B 94 -8.87 -33.67 -13.23
CA ALA B 94 -8.48 -34.89 -12.54
C ALA B 94 -8.13 -36.06 -13.43
N ASN B 95 -8.93 -36.20 -14.47
CA ASN B 95 -8.82 -37.27 -15.43
C ASN B 95 -7.58 -37.33 -16.29
N GLY B 96 -7.16 -36.20 -16.80
CA GLY B 96 -6.03 -36.15 -17.69
C GLY B 96 -4.85 -35.29 -17.29
N SER B 97 -3.94 -35.16 -18.22
CA SER B 97 -2.75 -34.35 -18.08
C SER B 97 -3.02 -33.08 -18.85
N LEU B 98 -2.77 -31.98 -18.19
CA LEU B 98 -3.03 -30.67 -18.73
C LEU B 98 -4.47 -30.43 -19.13
N THR B 99 -5.37 -30.87 -18.27
CA THR B 99 -6.77 -30.58 -18.45
C THR B 99 -7.18 -29.82 -17.19
N GLY B 100 -8.26 -29.04 -17.29
CA GLY B 100 -8.74 -28.29 -16.16
C GLY B 100 -7.89 -27.07 -15.84
N PRO B 101 -8.19 -26.40 -14.72
CA PRO B 101 -7.47 -25.21 -14.27
C PRO B 101 -5.99 -25.47 -14.06
N LEU B 102 -5.18 -24.51 -14.47
CA LEU B 102 -3.78 -24.44 -14.13
C LEU B 102 -3.50 -22.97 -13.94
N THR B 103 -3.06 -22.58 -12.77
CA THR B 103 -2.70 -21.21 -12.51
C THR B 103 -1.19 -21.10 -12.61
N VAL B 104 -0.73 -20.24 -13.51
CA VAL B 104 0.68 -20.07 -13.82
C VAL B 104 1.10 -18.66 -13.41
N GLY B 105 2.08 -18.59 -12.52
CA GLY B 105 2.70 -17.32 -12.15
C GLY B 105 3.83 -17.07 -13.14
N ILE B 106 3.98 -15.82 -13.59
CA ILE B 106 5.09 -15.47 -14.46
C ILE B 106 5.64 -14.11 -14.09
N ILE B 107 6.96 -13.99 -14.08
CA ILE B 107 7.64 -12.71 -13.83
C ILE B 107 7.34 -11.67 -14.96
N PRO B 108 7.24 -10.38 -14.59
CA PRO B 108 6.78 -9.38 -15.56
C PRO B 108 7.67 -9.14 -16.79
N THR B 109 8.96 -9.44 -16.68
CA THR B 109 9.86 -9.30 -17.82
C THR B 109 9.97 -10.56 -18.68
N ALA B 110 9.16 -11.58 -18.38
CA ALA B 110 8.96 -12.71 -19.30
C ALA B 110 7.53 -12.82 -19.81
N ALA B 111 6.54 -12.55 -18.95
CA ALA B 111 5.13 -12.80 -19.23
C ALA B 111 4.58 -12.31 -20.59
N PRO B 112 4.65 -10.99 -20.85
CA PRO B 112 4.03 -10.49 -22.06
C PRO B 112 4.66 -11.05 -23.34
N TYR B 113 5.89 -11.56 -23.26
CA TYR B 113 6.67 -11.97 -24.41
C TYR B 113 6.54 -13.46 -24.67
N ILE B 114 6.28 -14.24 -23.64
CA ILE B 114 6.08 -15.67 -23.77
C ILE B 114 4.57 -16.02 -23.98
N LEU B 115 3.67 -15.19 -23.47
CA LEU B 115 2.25 -15.53 -23.46
C LEU B 115 1.63 -15.79 -24.83
N PRO B 116 1.95 -14.94 -25.85
CA PRO B 116 1.22 -15.21 -27.10
C PRO B 116 1.40 -16.62 -27.62
N SER B 117 2.63 -17.10 -27.66
CA SER B 117 2.93 -18.45 -28.17
C SER B 117 2.46 -19.51 -27.21
N MET B 118 2.70 -19.32 -25.92
CA MET B 118 2.25 -20.33 -24.97
C MET B 118 0.75 -20.54 -25.06
N LEU B 119 0.00 -19.44 -25.07
CA LEU B 119 -1.46 -19.51 -25.12
C LEU B 119 -2.00 -20.10 -26.42
N SER B 120 -1.34 -19.84 -27.54
CA SER B 120 -1.74 -20.37 -28.83
C SER B 120 -1.50 -21.90 -28.91
N ILE B 121 -0.37 -22.37 -28.40
CA ILE B 121 -0.09 -23.79 -28.31
C ILE B 121 -1.12 -24.52 -27.44
N VAL B 122 -1.42 -23.93 -26.30
CA VAL B 122 -2.37 -24.48 -25.36
C VAL B 122 -3.75 -24.52 -25.98
N ASP B 123 -4.19 -23.45 -26.61
CA ASP B 123 -5.51 -23.38 -27.22
C ASP B 123 -5.71 -24.48 -28.29
N GLU B 124 -4.68 -24.72 -29.11
CA GLU B 124 -4.73 -25.72 -30.15
C GLU B 124 -4.50 -27.16 -29.65
N GLU B 125 -3.53 -27.39 -28.77
CA GLU B 125 -3.10 -28.75 -28.41
C GLU B 125 -3.59 -29.28 -27.06
N TYR B 126 -4.00 -28.37 -26.18
CA TYR B 126 -4.54 -28.72 -24.89
C TYR B 126 -5.84 -27.95 -24.65
N PRO B 127 -6.86 -28.20 -25.50
CA PRO B 127 -8.09 -27.39 -25.46
C PRO B 127 -8.93 -27.49 -24.17
N ASP B 128 -8.73 -28.55 -23.38
CA ASP B 128 -9.38 -28.67 -22.08
C ASP B 128 -8.61 -27.99 -20.93
N LEU B 129 -7.40 -27.47 -21.20
CA LEU B 129 -6.65 -26.68 -20.21
C LEU B 129 -7.33 -25.31 -20.06
N GLU B 130 -7.49 -24.87 -18.81
CA GLU B 130 -8.09 -23.57 -18.48
C GLU B 130 -7.00 -22.76 -17.77
N PRO B 131 -6.16 -22.07 -18.53
CA PRO B 131 -5.06 -21.36 -17.88
C PRO B 131 -5.52 -20.05 -17.20
N HIS B 132 -4.88 -19.76 -16.08
CA HIS B 132 -5.06 -18.53 -15.32
C HIS B 132 -3.64 -18.06 -15.11
N ILE B 133 -3.43 -16.76 -15.34
CA ILE B 133 -2.11 -16.20 -15.38
C ILE B 133 -2.05 -15.18 -14.26
N VAL B 134 -1.01 -15.29 -13.43
CA VAL B 134 -0.71 -14.30 -12.43
C VAL B 134 0.68 -13.74 -12.72
N GLU B 135 0.72 -12.47 -13.09
CA GLU B 135 1.96 -11.81 -13.44
C GLU B 135 2.37 -11.03 -12.20
N ASP B 136 3.49 -11.39 -11.60
CA ASP B 136 3.96 -10.70 -10.39
C ASP B 136 5.43 -10.98 -10.21
N GLN B 137 6.07 -10.18 -9.35
CA GLN B 137 7.49 -10.31 -9.08
C GLN B 137 7.77 -11.58 -8.28
N THR B 138 9.03 -11.99 -8.35
CA THR B 138 9.50 -13.28 -7.89
C THR B 138 9.12 -13.61 -6.45
N LYS B 139 9.39 -12.69 -5.53
CA LYS B 139 9.12 -12.88 -4.09
C LYS B 139 7.63 -13.15 -3.87
N HIS B 140 6.77 -12.42 -4.58
CA HIS B 140 5.31 -12.66 -4.47
C HIS B 140 4.93 -14.01 -5.08
N LEU B 141 5.50 -14.36 -6.24
CA LEU B 141 5.21 -15.65 -6.85
C LEU B 141 5.62 -16.80 -5.93
N LEU B 142 6.77 -16.71 -5.27
CA LEU B 142 7.18 -17.77 -4.34
C LEU B 142 6.24 -17.89 -3.15
N ALA B 143 5.73 -16.77 -2.66
CA ALA B 143 4.76 -16.79 -1.54
C ALA B 143 3.41 -17.44 -1.99
N LEU B 144 2.96 -17.08 -3.19
CA LEU B 144 1.74 -17.66 -3.75
C LEU B 144 1.90 -19.17 -3.98
N LEU B 145 3.08 -19.59 -4.42
CA LEU B 145 3.38 -21.01 -4.61
C LEU B 145 3.32 -21.75 -3.29
N ARG B 146 3.95 -21.19 -2.26
CA ARG B 146 3.94 -21.83 -0.94
C ARG B 146 2.52 -21.96 -0.40
N ASP B 147 1.67 -20.95 -0.62
CA ASP B 147 0.27 -20.96 -0.11
C ASP B 147 -0.70 -21.75 -0.99
N GLY B 148 -0.25 -22.21 -2.15
CA GLY B 148 -1.09 -22.95 -3.07
C GLY B 148 -1.97 -22.09 -3.96
N ALA B 149 -1.75 -20.77 -3.98
CA ALA B 149 -2.59 -19.86 -4.78
C ALA B 149 -2.22 -19.88 -6.24
N ILE B 150 -1.00 -20.31 -6.57
CA ILE B 150 -0.64 -20.70 -7.93
C ILE B 150 -0.04 -22.10 -7.91
N ASP B 151 -0.03 -22.74 -9.07
CA ASP B 151 0.46 -24.12 -9.23
C ASP B 151 1.93 -24.19 -9.62
N VAL B 152 2.31 -23.31 -10.55
CA VAL B 152 3.68 -23.26 -11.03
CA VAL B 152 3.67 -23.25 -11.02
C VAL B 152 4.08 -21.79 -11.22
N ALA B 153 5.38 -21.51 -11.20
CA ALA B 153 5.87 -20.18 -11.47
C ALA B 153 7.03 -20.23 -12.45
N MET B 154 7.00 -19.34 -13.40
CA MET B 154 8.04 -19.20 -14.35
C MET B 154 8.90 -18.01 -13.94
N MET B 155 10.13 -18.25 -13.54
CA MET B 155 11.02 -17.20 -13.09
C MET B 155 12.44 -17.54 -13.44
N ALA B 156 13.37 -16.66 -13.04
CA ALA B 156 14.79 -16.96 -13.16
C ALA B 156 15.25 -17.91 -12.06
N LEU B 157 16.19 -18.79 -12.42
CA LEU B 157 16.77 -19.73 -11.51
C LEU B 157 18.17 -19.28 -11.11
N PRO B 158 18.65 -19.70 -9.92
CA PRO B 158 17.95 -20.50 -8.91
C PRO B 158 16.88 -19.70 -8.12
N SER B 159 15.80 -20.35 -7.75
CA SER B 159 14.75 -19.75 -6.94
C SER B 159 15.21 -19.52 -5.50
N GLU B 160 16.15 -20.36 -5.04
CA GLU B 160 16.66 -20.35 -3.65
C GLU B 160 15.52 -20.47 -2.62
N ALA B 161 14.50 -21.25 -2.99
CA ALA B 161 13.31 -21.45 -2.18
C ALA B 161 13.30 -22.92 -1.74
N PRO B 162 13.46 -23.16 -0.43
CA PRO B 162 13.68 -24.54 0.00
C PRO B 162 12.65 -25.62 -0.31
N GLY B 163 11.35 -25.36 -0.31
CA GLY B 163 10.41 -26.49 -0.58
C GLY B 163 10.11 -26.79 -2.06
N MET B 164 10.89 -26.25 -2.99
CA MET B 164 10.49 -26.17 -4.39
C MET B 164 11.33 -27.09 -5.28
N LYS B 165 10.73 -27.59 -6.36
CA LYS B 165 11.49 -28.21 -7.45
C LYS B 165 11.59 -27.21 -8.60
N GLU B 166 12.64 -27.33 -9.38
CA GLU B 166 12.92 -26.44 -10.50
C GLU B 166 13.12 -27.26 -11.77
N ILE B 167 12.42 -26.89 -12.83
CA ILE B 167 12.65 -27.49 -14.15
C ILE B 167 13.34 -26.41 -15.00
N PRO B 168 14.62 -26.61 -15.36
CA PRO B 168 15.29 -25.63 -16.23
C PRO B 168 14.62 -25.61 -17.60
N LEU B 169 14.36 -24.42 -18.12
CA LEU B 169 13.69 -24.30 -19.44
C LEU B 169 14.68 -23.89 -20.51
N TYR B 170 15.30 -22.74 -20.34
CA TYR B 170 16.25 -22.21 -21.32
C TYR B 170 17.09 -21.07 -20.73
N ASP B 171 18.20 -20.78 -21.40
CA ASP B 171 18.98 -19.55 -21.19
C ASP B 171 18.56 -18.50 -22.24
N GLU B 172 18.16 -17.33 -21.76
CA GLU B 172 17.69 -16.27 -22.64
C GLU B 172 18.73 -15.16 -22.63
N ASP B 173 19.23 -14.82 -23.81
CA ASP B 173 20.24 -13.77 -23.91
C ASP B 173 19.64 -12.40 -23.61
N PHE B 174 20.47 -11.49 -23.12
CA PHE B 174 20.14 -10.07 -23.14
C PHE B 174 20.64 -9.41 -24.44
N ILE B 175 20.12 -8.23 -24.68
CA ILE B 175 20.57 -7.36 -25.73
C ILE B 175 20.61 -5.94 -25.14
N VAL B 176 21.56 -5.14 -25.60
CA VAL B 176 21.72 -3.74 -25.18
C VAL B 176 20.84 -2.87 -26.04
N VAL B 177 20.10 -1.97 -25.42
CA VAL B 177 19.19 -1.09 -26.11
C VAL B 177 19.60 0.36 -25.80
N THR B 178 19.75 1.16 -26.84
CA THR B 178 20.24 2.55 -26.71
C THR B 178 19.39 3.45 -27.58
N ALA B 179 19.54 4.76 -27.39
CA ALA B 179 18.99 5.70 -28.34
C ALA B 179 19.65 5.47 -29.70
N SER B 180 18.90 5.77 -30.75
CA SER B 180 19.41 5.71 -32.14
C SER B 180 20.76 6.38 -32.38
N ASP B 181 20.97 7.53 -31.78
CA ASP B 181 22.23 8.28 -31.97
C ASP B 181 23.39 7.89 -31.02
N HIS B 182 23.21 6.86 -30.18
CA HIS B 182 24.25 6.45 -29.27
C HIS B 182 25.38 5.80 -30.04
N PRO B 183 26.62 5.99 -29.56
CA PRO B 183 27.75 5.41 -30.33
C PRO B 183 27.82 3.88 -30.46
N PHE B 184 27.23 3.15 -29.53
CA PHE B 184 27.11 1.68 -29.61
C PHE B 184 26.01 1.17 -30.53
N ALA B 185 25.14 2.03 -31.04
CA ALA B 185 24.13 1.61 -32.02
C ALA B 185 24.67 0.63 -33.08
N GLY B 186 24.08 -0.57 -33.12
CA GLY B 186 24.40 -1.60 -34.08
C GLY B 186 25.68 -2.39 -33.85
N ARG B 187 26.49 -2.05 -32.87
CA ARG B 187 27.71 -2.81 -32.60
C ARG B 187 27.40 -4.20 -32.05
N GLN B 188 28.17 -5.19 -32.53
CA GLN B 188 27.96 -6.58 -32.20
C GLN B 188 29.17 -7.20 -31.48
N ASP B 189 30.10 -6.36 -31.04
CA ASP B 189 31.37 -6.85 -30.50
C ASP B 189 31.74 -6.21 -29.14
N LEU B 190 30.76 -5.80 -28.36
CA LEU B 190 31.05 -5.10 -27.08
C LEU B 190 31.69 -6.07 -26.11
N GLU B 191 32.60 -5.56 -25.28
CA GLU B 191 33.10 -6.27 -24.12
C GLU B 191 32.29 -5.86 -22.92
N LEU B 192 32.38 -6.60 -21.83
CA LEU B 192 31.58 -6.31 -20.64
C LEU B 192 31.88 -4.94 -20.11
N SER B 193 33.14 -4.58 -20.15
CA SER B 193 33.59 -3.25 -19.74
C SER B 193 32.89 -2.07 -20.45
N ALA B 194 32.30 -2.30 -21.63
CA ALA B 194 31.44 -1.29 -22.26
C ALA B 194 30.28 -0.81 -21.36
N LEU B 195 29.88 -1.61 -20.40
CA LEU B 195 28.83 -1.21 -19.44
C LEU B 195 29.20 0.06 -18.65
N GLU B 196 30.49 0.30 -18.48
CA GLU B 196 30.98 1.47 -17.78
C GLU B 196 30.58 2.73 -18.51
N ASP B 197 30.54 2.66 -19.82
CA ASP B 197 30.22 3.79 -20.67
C ASP B 197 28.73 4.04 -20.85
N LEU B 198 27.87 3.25 -20.22
CA LEU B 198 26.41 3.44 -20.31
C LEU B 198 25.91 4.05 -19.04
N ASP B 199 24.93 4.94 -19.17
CA ASP B 199 24.10 5.34 -18.03
C ASP B 199 22.93 4.36 -18.03
N LEU B 200 23.02 3.32 -17.21
CA LEU B 200 22.01 2.28 -17.19
C LEU B 200 20.74 2.76 -16.52
N LEU B 201 19.60 2.57 -17.19
CA LEU B 201 18.27 2.75 -16.59
C LEU B 201 17.75 1.38 -16.34
N LEU B 202 17.46 1.09 -15.09
CA LEU B 202 17.05 -0.25 -14.64
C LEU B 202 15.66 -0.15 -14.02
N LEU B 203 14.97 -1.29 -14.05
CA LEU B 203 13.76 -1.45 -13.28
C LEU B 203 14.19 -1.39 -11.80
N ASP B 204 13.26 -1.11 -10.90
CA ASP B 204 13.59 -1.03 -9.45
C ASP B 204 14.02 -2.41 -8.91
N ASP B 205 14.49 -2.42 -7.66
CA ASP B 205 15.07 -3.59 -6.98
C ASP B 205 14.15 -4.83 -6.85
N GLY B 206 12.84 -4.65 -6.97
CA GLY B 206 11.92 -5.78 -6.93
C GLY B 206 11.95 -6.71 -8.15
N HIS B 207 12.61 -6.31 -9.23
CA HIS B 207 12.64 -7.08 -10.47
C HIS B 207 13.94 -7.86 -10.56
N SER B 208 13.86 -9.14 -10.86
CA SER B 208 15.08 -9.97 -11.03
C SER B 208 16.01 -9.46 -12.17
N LEU B 209 15.45 -8.82 -13.18
CA LEU B 209 16.25 -8.24 -14.25
C LEU B 209 17.20 -7.14 -13.73
N HIS B 210 16.74 -6.31 -12.80
CA HIS B 210 17.62 -5.35 -12.11
C HIS B 210 18.88 -6.07 -11.57
N ASP B 211 18.67 -7.07 -10.74
CA ASP B 211 19.74 -7.79 -10.07
C ASP B 211 20.67 -8.47 -11.06
N GLN B 212 20.11 -9.00 -12.15
CA GLN B 212 20.93 -9.66 -13.15
C GLN B 212 21.86 -8.71 -13.89
N ILE B 213 21.31 -7.55 -14.24
CA ILE B 213 22.18 -6.50 -14.85
CA ILE B 213 22.15 -6.48 -14.82
C ILE B 213 23.34 -5.89 -13.88
N VAL B 214 22.89 -5.79 -12.63
CA VAL B 214 23.88 -5.42 -11.61
C VAL B 214 24.97 -6.47 -11.51
N ASP B 215 24.64 -7.77 -11.52
CA ASP B 215 25.65 -8.83 -11.45
C ASP B 215 26.58 -8.84 -12.66
N LEU B 216 26.03 -8.49 -13.83
CA LEU B 216 26.82 -8.40 -15.04
C LEU B 216 27.90 -7.31 -14.88
N CYS B 217 27.48 -6.16 -14.35
CA CYS B 217 28.39 -5.06 -14.07
C CYS B 217 29.49 -5.46 -13.10
N ARG B 218 29.14 -6.23 -12.09
CA ARG B 218 30.15 -6.75 -11.14
CA ARG B 218 30.16 -6.73 -11.16
C ARG B 218 31.35 -7.67 -11.73
N ARG B 219 30.86 -8.47 -12.67
CA ARG B 219 31.75 -9.38 -13.34
C ARG B 219 32.81 -8.51 -14.01
N GLY B 220 32.37 -7.36 -14.51
CA GLY B 220 33.22 -6.41 -15.19
C GLY B 220 33.85 -5.38 -14.25
N ASP B 221 33.64 -5.55 -12.95
CA ASP B 221 34.16 -4.65 -11.91
C ASP B 221 33.72 -3.19 -12.07
N ILE B 222 32.43 -3.01 -12.37
CA ILE B 222 31.82 -1.71 -12.58
C ILE B 222 30.58 -1.51 -11.71
N ASN B 223 30.36 -0.35 -11.11
CA ASN B 223 29.08 -0.21 -10.40
C ASN B 223 28.02 0.12 -11.46
N PRO B 224 26.87 -0.55 -11.35
CA PRO B 224 25.72 -0.22 -12.20
C PRO B 224 25.21 1.20 -11.91
N ILE B 225 25.20 1.59 -10.64
CA ILE B 225 24.87 2.97 -10.21
C ILE B 225 26.00 3.93 -10.58
N VAL B 231 18.21 8.42 -9.66
CA VAL B 231 16.99 8.98 -9.08
C VAL B 231 15.75 8.74 -9.95
N THR B 232 15.94 8.09 -11.10
CA THR B 232 14.83 7.81 -11.97
C THR B 232 14.41 6.37 -11.74
N ARG B 233 13.17 6.19 -11.32
N ARG B 233 13.27 6.24 -11.45
CA ARG B 233 12.64 4.86 -11.07
CA ARG B 233 12.81 4.86 -11.22
C ARG B 233 11.58 4.51 -12.08
C ARG B 233 11.62 4.50 -12.10
N ALA B 234 11.67 3.32 -12.65
CA ALA B 234 10.64 2.89 -13.63
C ALA B 234 10.16 1.50 -13.27
N SER B 235 8.86 1.25 -13.41
CA SER B 235 8.30 -0.02 -13.03
C SER B 235 8.12 -1.01 -14.18
N SER B 236 8.23 -0.55 -15.44
CA SER B 236 8.05 -1.41 -16.62
C SER B 236 9.07 -1.12 -17.71
N LEU B 237 9.39 -2.13 -18.50
CA LEU B 237 10.27 -1.97 -19.64
C LEU B 237 9.77 -0.98 -20.66
N THR B 238 8.45 -0.85 -20.86
CA THR B 238 7.96 0.12 -21.85
CA THR B 238 7.95 0.11 -21.84
C THR B 238 8.27 1.55 -21.40
N THR B 239 8.16 1.84 -20.10
CA THR B 239 8.57 3.16 -19.58
C THR B 239 10.08 3.37 -19.75
N VAL B 240 10.88 2.35 -19.50
CA VAL B 240 12.31 2.47 -19.68
C VAL B 240 12.62 2.80 -21.16
N MET B 241 11.93 2.16 -22.10
CA MET B 241 12.17 2.40 -23.52
C MET B 241 11.88 3.85 -23.89
N GLN B 242 10.85 4.46 -23.32
CA GLN B 242 10.57 5.86 -23.57
C GLN B 242 11.70 6.76 -23.05
N LEU B 243 12.26 6.40 -21.91
CA LEU B 243 13.40 7.16 -21.33
C LEU B 243 14.62 7.00 -22.22
N VAL B 244 14.84 5.81 -22.77
CA VAL B 244 15.96 5.55 -23.66
C VAL B 244 15.81 6.36 -24.94
N VAL B 245 14.60 6.39 -25.51
CA VAL B 245 14.33 7.18 -26.74
C VAL B 245 14.62 8.65 -26.49
N ALA B 246 14.23 9.13 -25.32
CA ALA B 246 14.46 10.53 -24.91
C ALA B 246 15.91 10.87 -24.54
N GLY B 247 16.84 9.91 -24.66
CA GLY B 247 18.27 10.14 -24.39
C GLY B 247 18.66 10.18 -22.90
N LEU B 248 17.84 9.64 -22.01
CA LEU B 248 18.12 9.65 -20.59
C LEU B 248 19.02 8.50 -20.15
N GLY B 249 19.33 7.56 -21.03
CA GLY B 249 20.12 6.39 -20.67
C GLY B 249 19.95 5.23 -21.63
N SER B 250 20.59 4.12 -21.28
CA SER B 250 20.53 2.89 -22.05
C SER B 250 20.07 1.78 -21.13
N THR B 251 19.74 0.62 -21.69
CA THR B 251 19.37 -0.53 -20.86
C THR B 251 19.70 -1.86 -21.51
N LEU B 252 19.44 -2.93 -20.77
CA LEU B 252 19.49 -4.29 -21.32
C LEU B 252 18.10 -4.93 -21.17
N VAL B 253 17.65 -5.62 -22.20
CA VAL B 253 16.39 -6.34 -22.14
C VAL B 253 16.60 -7.79 -22.59
N PRO B 254 15.72 -8.70 -22.14
CA PRO B 254 15.77 -10.07 -22.66
C PRO B 254 15.38 -10.09 -24.11
N ILE B 255 15.98 -10.98 -24.91
CA ILE B 255 15.69 -11.00 -26.34
C ILE B 255 14.23 -11.24 -26.72
N SER B 256 13.48 -11.97 -25.89
CA SER B 256 12.03 -12.16 -26.16
C SER B 256 11.27 -10.86 -26.14
N ALA B 257 11.78 -9.84 -25.44
CA ALA B 257 11.14 -8.52 -25.46
C ALA B 257 11.27 -7.74 -26.79
N ILE B 258 12.23 -8.11 -27.62
CA ILE B 258 12.58 -7.29 -28.81
C ILE B 258 11.38 -6.85 -29.65
N PRO B 259 10.52 -7.80 -30.07
CA PRO B 259 9.46 -7.34 -30.99
C PRO B 259 8.45 -6.44 -30.33
N TRP B 260 8.36 -6.49 -29.00
CA TRP B 260 7.30 -5.78 -28.27
C TRP B 260 7.74 -4.44 -27.73
N GLU B 261 9.04 -4.29 -27.51
CA GLU B 261 9.60 -3.10 -26.84
C GLU B 261 10.61 -2.33 -27.68
N CYS B 262 11.36 -3.00 -28.56
CA CYS B 262 12.56 -2.44 -29.18
C CYS B 262 12.45 -2.03 -30.63
N THR B 263 11.25 -2.08 -31.19
CA THR B 263 11.02 -1.68 -32.59
C THR B 263 10.44 -0.28 -32.71
N ARG B 264 10.09 0.36 -31.59
CA ARG B 264 9.56 1.72 -31.67
C ARG B 264 10.63 2.67 -32.24
N PRO B 265 10.21 3.78 -32.87
CA PRO B 265 11.19 4.70 -33.46
C PRO B 265 12.08 5.34 -32.39
N GLY B 266 13.36 5.50 -32.72
CA GLY B 266 14.32 6.14 -31.83
C GLY B 266 15.18 5.23 -30.98
N LEU B 267 15.06 3.91 -31.18
CA LEU B 267 15.89 2.94 -30.47
C LEU B 267 16.86 2.26 -31.40
N ALA B 268 18.01 1.86 -30.88
CA ALA B 268 18.91 0.95 -31.57
C ALA B 268 19.37 -0.09 -30.58
N THR B 269 20.02 -1.14 -31.07
CA THR B 269 20.49 -2.23 -30.24
C THR B 269 21.94 -2.53 -30.49
N ALA B 270 22.54 -3.27 -29.57
CA ALA B 270 23.91 -3.72 -29.66
C ALA B 270 24.07 -5.02 -28.88
N ASN B 271 25.14 -5.75 -29.19
CA ASN B 271 25.43 -6.97 -28.45
C ASN B 271 26.86 -7.07 -28.03
N PHE B 272 27.09 -7.85 -26.97
CA PHE B 272 28.41 -8.25 -26.55
C PHE B 272 28.93 -9.28 -27.52
N ASN B 273 30.27 -9.41 -27.57
CA ASN B 273 30.92 -10.37 -28.45
C ASN B 273 30.64 -11.82 -28.03
N SER B 274 30.96 -12.73 -28.92
CA SER B 274 30.72 -14.17 -28.78
C SER B 274 31.22 -14.80 -27.49
N ASP B 275 32.37 -14.33 -26.98
CA ASP B 275 33.00 -14.84 -25.75
C ASP B 275 32.34 -14.37 -24.45
N VAL B 276 31.46 -13.37 -24.52
CA VAL B 276 30.81 -12.84 -23.31
C VAL B 276 29.48 -13.56 -23.05
N THR B 277 29.23 -13.92 -21.82
CA THR B 277 27.98 -14.52 -21.41
C THR B 277 27.14 -13.46 -20.74
N ALA B 278 25.98 -13.18 -21.31
CA ALA B 278 25.07 -12.19 -20.78
C ALA B 278 23.65 -12.70 -21.03
N ASN B 279 23.16 -13.47 -20.07
CA ASN B 279 21.87 -14.13 -20.23
C ASN B 279 21.19 -14.38 -18.87
N ARG B 280 19.97 -14.89 -18.86
CA ARG B 280 19.32 -15.34 -17.61
C ARG B 280 18.82 -16.75 -17.84
N ARG B 281 18.81 -17.56 -16.78
CA ARG B 281 18.27 -18.92 -16.86
C ARG B 281 16.85 -18.89 -16.36
N ILE B 282 15.91 -19.24 -17.22
CA ILE B 282 14.51 -19.29 -16.90
C ILE B 282 14.14 -20.75 -16.62
N GLY B 283 13.25 -20.90 -15.65
CA GLY B 283 12.85 -22.21 -15.16
C GLY B 283 11.41 -22.22 -14.67
N LEU B 284 10.89 -23.43 -14.49
CA LEU B 284 9.54 -23.61 -13.99
C LEU B 284 9.68 -24.13 -12.55
N VAL B 285 9.06 -23.43 -11.62
CA VAL B 285 9.21 -23.74 -10.20
C VAL B 285 7.87 -24.23 -9.68
N TYR B 286 7.89 -25.30 -8.87
CA TYR B 286 6.70 -25.81 -8.20
C TYR B 286 6.99 -26.47 -6.85
N ARG B 287 5.95 -26.71 -6.06
CA ARG B 287 6.10 -27.32 -4.71
C ARG B 287 6.58 -28.75 -4.83
N SER B 288 7.66 -29.11 -4.14
CA SER B 288 8.20 -30.48 -4.24
CA SER B 288 8.20 -30.48 -4.24
C SER B 288 7.24 -31.54 -3.67
N SER B 289 6.27 -31.13 -2.85
CA SER B 289 5.21 -32.02 -2.40
C SER B 289 4.18 -32.33 -3.50
N SER B 290 4.15 -31.58 -4.60
CA SER B 290 3.16 -31.80 -5.64
C SER B 290 3.28 -33.20 -6.25
N SER B 291 2.15 -33.77 -6.61
CA SER B 291 2.12 -35.05 -7.30
C SER B 291 1.99 -34.84 -8.81
N ARG B 292 1.99 -33.59 -9.27
CA ARG B 292 1.76 -33.27 -10.68
C ARG B 292 3.04 -33.05 -11.49
N ALA B 293 4.17 -33.60 -11.04
CA ALA B 293 5.44 -33.50 -11.75
C ALA B 293 5.28 -33.77 -13.25
N GLU B 294 4.56 -34.84 -13.61
CA GLU B 294 4.43 -35.28 -14.98
C GLU B 294 3.74 -34.21 -15.85
N GLU B 295 2.65 -33.63 -15.36
CA GLU B 295 1.96 -32.53 -16.03
C GLU B 295 2.82 -31.27 -16.13
N PHE B 296 3.52 -30.90 -15.05
CA PHE B 296 4.36 -29.73 -15.07
C PHE B 296 5.54 -29.90 -16.04
N GLU B 297 6.05 -31.12 -16.17
CA GLU B 297 7.07 -31.47 -17.16
C GLU B 297 6.56 -31.32 -18.60
N GLN B 298 5.29 -31.66 -18.82
CA GLN B 298 4.68 -31.42 -20.12
C GLN B 298 4.49 -29.93 -20.34
N PHE B 299 4.10 -29.21 -19.29
CA PHE B 299 3.95 -27.78 -19.44
C PHE B 299 5.27 -27.14 -19.77
N ALA B 300 6.34 -27.63 -19.15
CA ALA B 300 7.69 -27.12 -19.44
C ALA B 300 8.03 -27.23 -20.92
N LEU B 301 7.68 -28.36 -21.55
CA LEU B 301 7.94 -28.53 -22.97
C LEU B 301 7.22 -27.45 -23.81
N ILE B 302 6.00 -27.08 -23.43
CA ILE B 302 5.24 -26.02 -24.06
C ILE B 302 5.96 -24.70 -23.95
N LEU B 303 6.44 -24.38 -22.76
CA LEU B 303 7.18 -23.16 -22.53
C LEU B 303 8.50 -23.12 -23.34
N GLN B 304 9.21 -24.25 -23.45
CA GLN B 304 10.42 -24.28 -24.26
C GLN B 304 10.11 -24.03 -25.74
N ARG B 305 8.99 -24.58 -26.21
CA ARG B 305 8.55 -24.33 -27.59
C ARG B 305 8.13 -22.88 -27.78
N ALA B 306 7.36 -22.36 -26.83
CA ALA B 306 6.95 -20.96 -26.86
C ALA B 306 8.11 -19.98 -26.92
N PHE B 307 9.15 -20.27 -26.17
CA PHE B 307 10.34 -19.44 -26.16
C PHE B 307 11.03 -19.47 -27.54
N GLN B 308 11.13 -20.65 -28.14
CA GLN B 308 11.72 -20.77 -29.49
C GLN B 308 10.98 -19.93 -30.51
N GLU B 309 9.64 -19.91 -30.40
CA GLU B 309 8.82 -19.08 -31.25
C GLU B 309 9.00 -17.57 -30.95
N ALA B 310 9.13 -17.20 -29.70
CA ALA B 310 9.42 -15.81 -29.32
C ALA B 310 10.78 -15.35 -29.85
N VAL B 311 11.75 -16.25 -29.83
CA VAL B 311 13.07 -15.98 -30.36
C VAL B 311 12.99 -15.83 -31.89
N ALA B 312 12.18 -16.67 -32.56
CA ALA B 312 12.00 -16.52 -33.98
C ALA B 312 11.32 -15.21 -34.31
N LEU B 313 10.34 -14.78 -33.48
CA LEU B 313 9.71 -13.48 -33.67
C LEU B 313 10.76 -12.35 -33.56
N ALA B 314 11.64 -12.46 -32.57
CA ALA B 314 12.75 -11.52 -32.43
C ALA B 314 13.66 -11.48 -33.67
N ALA B 315 14.05 -12.64 -34.18
CA ALA B 315 14.86 -12.72 -35.39
C ALA B 315 14.13 -12.15 -36.60
N SER B 316 12.80 -12.27 -36.66
CA SER B 316 12.01 -11.76 -37.79
C SER B 316 12.03 -10.23 -37.89
N THR B 317 12.39 -9.52 -36.83
CA THR B 317 12.42 -8.07 -36.86
C THR B 317 13.60 -7.53 -37.66
N GLY B 318 14.61 -8.36 -37.87
CA GLY B 318 15.85 -7.92 -38.51
C GLY B 318 16.92 -7.49 -37.54
N ILE B 319 16.58 -7.40 -36.24
CA ILE B 319 17.51 -6.93 -35.22
C ILE B 319 18.44 -8.10 -34.97
N THR B 320 19.75 -7.84 -35.00
CA THR B 320 20.75 -8.89 -34.91
C THR B 320 20.80 -9.32 -33.46
N LEU B 321 20.80 -10.64 -33.23
CA LEU B 321 20.81 -11.22 -31.91
C LEU B 321 22.20 -11.62 -31.47
N LYS B 322 22.40 -11.74 -30.16
CA LYS B 322 23.65 -12.22 -29.61
C LYS B 322 24.06 -13.55 -30.23
N GLN B 323 25.33 -13.67 -30.56
CA GLN B 323 25.93 -14.91 -31.00
C GLN B 323 26.70 -15.49 -29.82
N ASN B 324 26.65 -16.81 -29.67
CA ASN B 324 27.33 -17.50 -28.58
C ASN B 324 28.26 -18.58 -29.19
N VAL B 325 29.54 -18.55 -28.81
CA VAL B 325 30.60 -19.46 -29.36
C VAL B 325 30.62 -19.51 -30.89
N LYS C 6 30.97 40.55 13.97
CA LYS C 6 32.42 40.20 14.17
C LYS C 6 32.78 38.77 13.74
N GLU C 7 32.02 37.79 14.24
CA GLU C 7 32.33 36.38 14.03
C GLU C 7 31.88 35.83 12.66
N TYR C 8 32.39 34.64 12.35
CA TYR C 8 32.15 34.01 11.05
C TYR C 8 30.70 33.65 10.78
N ARG C 9 30.21 34.02 9.60
CA ARG C 9 28.86 33.68 9.13
C ARG C 9 29.02 33.02 7.77
N PRO C 10 28.50 31.79 7.59
CA PRO C 10 28.62 31.17 6.25
C PRO C 10 27.86 31.94 5.18
N THR C 11 28.38 31.87 3.96
CA THR C 11 27.69 32.45 2.81
C THR C 11 26.87 31.37 2.13
N LEU C 12 25.87 31.78 1.37
CA LEU C 12 25.14 30.81 0.56
C LEU C 12 26.09 30.11 -0.43
N ALA C 13 27.05 30.83 -1.00
CA ALA C 13 28.01 30.20 -1.94
C ALA C 13 28.77 29.08 -1.28
N GLN C 14 29.17 29.27 -0.03
CA GLN C 14 29.89 28.22 0.69
C GLN C 14 29.01 27.01 0.93
N LEU C 15 27.76 27.26 1.31
CA LEU C 15 26.80 26.19 1.52
C LEU C 15 26.51 25.42 0.22
N ARG C 16 26.39 26.15 -0.90
CA ARG C 16 26.18 25.46 -2.20
C ARG C 16 27.34 24.54 -2.51
N THR C 17 28.56 25.01 -2.25
CA THR C 17 29.72 24.17 -2.47
C THR C 17 29.66 22.91 -1.62
N PHE C 18 29.35 23.06 -0.35
CA PHE C 18 29.28 21.89 0.55
C PHE C 18 28.22 20.88 0.06
N VAL C 19 27.03 21.36 -0.24
CA VAL C 19 25.93 20.50 -0.61
C VAL C 19 26.25 19.78 -1.93
N THR C 20 26.78 20.52 -2.90
CA THR C 20 27.09 19.95 -4.19
C THR C 20 28.17 18.86 -4.07
N ILE C 21 29.23 19.12 -3.30
CA ILE C 21 30.26 18.09 -3.08
C ILE C 21 29.66 16.85 -2.41
N ALA C 22 28.80 17.06 -1.42
CA ALA C 22 28.15 15.95 -0.68
C ALA C 22 27.31 15.08 -1.60
N GLU C 23 26.65 15.70 -2.58
CA GLU C 23 25.82 15.00 -3.58
C GLU C 23 26.64 14.36 -4.71
N CYS C 24 27.58 15.10 -5.29
CA CYS C 24 28.40 14.60 -6.42
C CYS C 24 29.46 13.57 -6.06
N LYS C 25 29.99 13.66 -4.85
CA LYS C 25 31.04 12.77 -4.34
C LYS C 25 32.37 12.82 -5.15
N HIS C 26 32.56 13.95 -5.85
CA HIS C 26 33.74 14.20 -6.66
C HIS C 26 33.88 15.71 -6.78
N PHE C 27 35.09 16.22 -6.52
CA PHE C 27 35.36 17.66 -6.54
C PHE C 27 35.18 18.23 -7.94
N GLY C 28 35.77 17.56 -8.93
CA GLY C 28 35.67 17.97 -10.33
C GLY C 28 34.26 18.07 -10.86
N THR C 29 33.47 17.03 -10.60
CA THR C 29 32.05 17.04 -10.98
C THR C 29 31.33 18.16 -10.23
N ALA C 30 31.66 18.35 -8.94
CA ALA C 30 30.98 19.38 -8.14
C ALA C 30 31.28 20.78 -8.71
N ALA C 31 32.54 20.99 -9.06
CA ALA C 31 32.98 22.26 -9.60
C ALA C 31 32.29 22.57 -10.94
N THR C 32 32.22 21.57 -11.82
CA THR C 32 31.57 21.75 -13.12
C THR C 32 30.08 22.02 -12.91
N LYS C 33 29.47 21.40 -11.91
CA LYS C 33 28.06 21.62 -11.66
C LYS C 33 27.79 23.08 -11.30
N LEU C 34 28.70 23.67 -10.55
CA LEU C 34 28.55 25.06 -10.10
C LEU C 34 29.18 26.09 -11.06
N SER C 35 29.74 25.63 -12.19
CA SER C 35 30.44 26.52 -13.13
C SER C 35 31.57 27.33 -12.47
N ILE C 36 32.36 26.66 -11.64
CA ILE C 36 33.55 27.29 -11.05
C ILE C 36 34.72 26.34 -11.20
N SER C 37 35.91 26.86 -10.96
CA SER C 37 37.12 26.06 -10.98
C SER C 37 37.23 25.19 -9.73
N GLN C 38 38.02 24.12 -9.82
CA GLN C 38 38.32 23.27 -8.68
C GLN C 38 39.05 24.00 -7.54
N PRO C 39 40.03 24.88 -7.84
CA PRO C 39 40.56 25.73 -6.77
C PRO C 39 39.50 26.61 -6.08
N SER C 40 38.57 27.21 -6.82
CA SER C 40 37.49 28.01 -6.20
C SER C 40 36.59 27.20 -5.28
N LEU C 41 36.25 25.99 -5.74
CA LEU C 41 35.47 25.06 -4.95
C LEU C 41 36.18 24.71 -3.65
N SER C 42 37.46 24.33 -3.73
CA SER C 42 38.23 23.97 -2.55
C SER C 42 38.39 25.12 -1.56
N GLN C 43 38.60 26.34 -2.07
CA GLN C 43 38.68 27.57 -1.27
C GLN C 43 37.40 27.81 -0.48
N ALA C 44 36.25 27.67 -1.14
CA ALA C 44 34.95 27.84 -0.50
C ALA C 44 34.73 26.78 0.59
N LEU C 45 35.06 25.53 0.29
CA LEU C 45 34.88 24.47 1.28
C LEU C 45 35.78 24.68 2.48
N VAL C 46 37.07 25.01 2.26
CA VAL C 46 38.02 25.18 3.36
C VAL C 46 37.66 26.42 4.20
N ALA C 47 37.18 27.48 3.54
CA ALA C 47 36.68 28.65 4.27
C ALA C 47 35.50 28.29 5.20
N LEU C 48 34.59 27.47 4.69
CA LEU C 48 33.47 26.99 5.48
C LEU C 48 33.95 26.13 6.67
N GLU C 49 34.84 25.18 6.40
CA GLU C 49 35.30 24.28 7.44
C GLU C 49 36.10 25.03 8.52
N THR C 50 36.95 25.95 8.08
CA THR C 50 37.75 26.76 9.02
C THR C 50 36.89 27.71 9.82
N GLY C 51 35.94 28.35 9.15
CA GLY C 51 35.00 29.27 9.82
C GLY C 51 34.18 28.57 10.89
N LEU C 52 33.72 27.36 10.58
CA LEU C 52 32.98 26.55 11.56
C LEU C 52 33.84 25.80 12.58
N GLY C 53 35.12 25.52 12.28
CA GLY C 53 35.95 24.66 13.11
C GLY C 53 35.51 23.20 13.05
N VAL C 54 34.86 22.83 11.95
CA VAL C 54 34.31 21.49 11.77
C VAL C 54 34.71 20.99 10.39
N GLN C 55 35.29 19.78 10.36
CA GLN C 55 35.59 19.10 9.10
C GLN C 55 34.29 18.43 8.56
N LEU C 56 33.87 18.84 7.37
CA LEU C 56 32.63 18.38 6.74
C LEU C 56 32.83 17.29 5.68
N ILE C 57 34.01 17.25 5.09
CA ILE C 57 34.33 16.32 4.00
CA ILE C 57 34.35 16.31 4.02
C ILE C 57 35.76 15.77 4.27
N GLU C 58 35.94 14.45 4.16
CA GLU C 58 37.24 13.78 4.33
C GLU C 58 37.85 13.49 2.96
N ARG C 59 39.20 13.46 2.93
CA ARG C 59 40.03 13.19 1.71
C ARG C 59 39.35 12.27 0.67
N ARG C 62 39.10 7.07 -4.01
CA ARG C 62 39.62 8.43 -4.11
C ARG C 62 38.48 9.45 -4.07
N LYS C 63 37.25 8.95 -4.02
CA LYS C 63 36.07 9.80 -3.97
C LYS C 63 35.93 10.48 -2.62
N VAL C 64 35.25 11.62 -2.60
CA VAL C 64 35.04 12.39 -1.39
C VAL C 64 33.86 11.85 -0.60
N ILE C 65 34.04 11.74 0.71
CA ILE C 65 33.04 11.20 1.64
C ILE C 65 32.76 12.26 2.72
N VAL C 66 31.46 12.46 2.92
CA VAL C 66 31.01 13.32 4.05
CA VAL C 66 31.04 13.31 4.06
C VAL C 66 31.30 12.70 5.55
N THR C 67 31.83 13.59 6.34
CA THR C 67 32.11 13.17 7.74
C THR C 67 30.80 13.01 8.52
N PRO C 68 30.86 12.37 9.71
CA PRO C 68 29.64 12.37 10.56
C PRO C 68 29.05 13.76 10.80
N ALA C 69 29.91 14.72 11.12
CA ALA C 69 29.50 16.13 11.26
C ALA C 69 28.87 16.70 10.01
N GLY C 70 29.47 16.42 8.85
CA GLY C 70 28.90 16.88 7.57
C GLY C 70 27.54 16.29 7.28
N GLU C 71 27.39 15.00 7.58
CA GLU C 71 26.09 14.33 7.40
C GLU C 71 25.00 14.96 8.29
N LYS C 72 25.36 15.31 9.51
CA LYS C 72 24.42 15.97 10.42
C LYS C 72 24.09 17.40 10.00
N LEU C 73 25.05 18.12 9.44
CA LEU C 73 24.79 19.50 9.01
C LEU C 73 24.18 19.63 7.60
N LEU C 74 24.32 18.59 6.77
CA LEU C 74 23.79 18.63 5.39
C LEU C 74 22.33 19.08 5.30
N PRO C 75 21.43 18.49 6.11
CA PRO C 75 20.03 18.95 6.00
C PRO C 75 19.80 20.41 6.37
N PHE C 76 20.61 20.95 7.30
CA PHE C 76 20.47 22.37 7.62
C PHE C 76 20.98 23.26 6.46
N ALA C 77 22.06 22.81 5.81
CA ALA C 77 22.59 23.53 4.63
C ALA C 77 21.54 23.52 3.51
N LYS C 78 20.98 22.34 3.22
CA LYS C 78 19.90 22.24 2.24
C LYS C 78 18.69 23.11 2.54
N SER C 79 18.24 23.15 3.79
CA SER C 79 17.10 24.01 4.16
C SER C 79 17.39 25.47 3.86
N THR C 80 18.62 25.89 4.10
CA THR C 80 18.98 27.30 3.90
C THR C 80 18.90 27.64 2.41
N LEU C 81 19.48 26.75 1.58
CA LEU C 81 19.50 26.95 0.14
C LEU C 81 18.09 26.92 -0.42
N ASP C 82 17.24 26.04 0.11
CA ASP C 82 15.83 25.95 -0.32
CA ASP C 82 15.83 25.95 -0.32
C ASP C 82 15.06 27.21 0.07
N ALA C 83 15.28 27.70 1.29
CA ALA C 83 14.64 28.97 1.67
C ALA C 83 15.12 30.14 0.76
N ALA C 84 16.40 30.17 0.41
CA ALA C 84 16.93 31.25 -0.44
C ALA C 84 16.36 31.16 -1.86
N GLU C 85 16.27 29.95 -2.43
CA GLU C 85 15.63 29.73 -3.73
C GLU C 85 14.17 30.18 -3.70
N SER C 86 13.46 29.86 -2.64
CA SER C 86 12.08 30.29 -2.52
C SER C 86 11.94 31.81 -2.46
N PHE C 87 12.86 32.50 -1.78
CA PHE C 87 12.86 33.98 -1.77
C PHE C 87 13.02 34.51 -3.19
N LEU C 88 14.01 33.96 -3.90
CA LEU C 88 14.33 34.43 -5.24
C LEU C 88 13.16 34.19 -6.21
N SER C 89 12.58 32.99 -6.14
CA SER C 89 11.44 32.62 -7.01
C SER C 89 10.22 33.51 -6.75
N HIS C 90 9.93 33.84 -5.49
CA HIS C 90 8.82 34.74 -5.21
C HIS C 90 9.08 36.18 -5.61
N ALA C 91 10.35 36.58 -5.64
CA ALA C 91 10.66 37.98 -6.01
C ALA C 91 10.48 38.14 -7.50
N LYS C 92 10.95 37.15 -8.26
CA LYS C 92 10.83 37.18 -9.74
C LYS C 92 9.34 37.14 -10.13
N GLY C 93 8.55 36.33 -9.38
CA GLY C 93 7.15 36.05 -9.66
C GLY C 93 6.87 35.01 -10.77
N ALA C 94 6.02 35.41 -11.70
CA ALA C 94 5.68 34.61 -12.87
C ALA C 94 6.86 34.38 -13.85
N ASN C 95 7.65 35.42 -14.10
CA ASN C 95 8.73 35.32 -15.09
C ASN C 95 9.95 34.46 -14.81
N GLY C 96 10.15 34.02 -13.58
CA GLY C 96 11.32 33.22 -13.30
C GLY C 96 11.41 31.92 -14.11
N SER C 97 10.27 31.27 -14.31
CA SER C 97 10.10 30.01 -15.04
C SER C 97 10.64 28.79 -14.30
N LEU C 98 10.74 27.67 -14.98
CA LEU C 98 11.17 26.45 -14.34
C LEU C 98 12.59 26.08 -14.61
N THR C 99 13.39 26.01 -13.56
CA THR C 99 14.80 25.69 -13.70
C THR C 99 15.17 24.70 -12.60
N GLY C 100 16.23 23.96 -12.81
CA GLY C 100 16.75 23.05 -11.81
C GLY C 100 15.97 21.76 -11.69
N PRO C 101 16.34 20.92 -10.71
CA PRO C 101 15.71 19.63 -10.45
C PRO C 101 14.21 19.75 -10.18
N LEU C 102 13.46 18.82 -10.73
CA LEU C 102 12.08 18.62 -10.40
C LEU C 102 11.87 17.13 -10.47
N THR C 103 11.48 16.53 -9.37
CA THR C 103 11.22 15.10 -9.33
C THR C 103 9.71 14.90 -9.40
N VAL C 104 9.29 14.17 -10.45
CA VAL C 104 7.89 14.05 -10.81
C VAL C 104 7.52 12.59 -10.68
N GLY C 105 6.53 12.33 -9.82
CA GLY C 105 5.99 11.01 -9.67
C GLY C 105 4.86 10.87 -10.70
N ILE C 106 4.75 9.70 -11.34
CA ILE C 106 3.66 9.45 -12.27
C ILE C 106 3.19 8.02 -12.14
N ILE C 107 1.87 7.84 -12.16
CA ILE C 107 1.27 6.51 -12.11
C ILE C 107 1.60 5.67 -13.36
N PRO C 108 1.77 4.34 -13.19
CA PRO C 108 2.22 3.51 -14.32
C PRO C 108 1.32 3.43 -15.54
N THR C 109 0.04 3.69 -15.39
CA THR C 109 -0.89 3.67 -16.56
C THR C 109 -1.04 5.04 -17.21
N ALA C 110 -0.27 6.05 -16.73
CA ALA C 110 -0.12 7.29 -17.46
C ALA C 110 1.31 7.49 -17.99
N ALA C 111 2.32 7.13 -17.20
CA ALA C 111 3.72 7.44 -17.48
C ALA C 111 4.23 7.14 -18.89
N PRO C 112 4.20 5.89 -19.34
CA PRO C 112 4.76 5.59 -20.63
C PRO C 112 4.11 6.35 -21.80
N TYR C 113 2.88 6.82 -21.63
CA TYR C 113 2.09 7.42 -22.70
C TYR C 113 2.21 8.94 -22.70
N ILE C 114 2.47 9.52 -21.56
CA ILE C 114 2.62 10.98 -21.44
C ILE C 114 4.11 11.39 -21.55
N LEU C 115 5.04 10.51 -21.19
CA LEU C 115 6.46 10.89 -21.12
C LEU C 115 7.06 11.38 -22.43
N PRO C 116 6.76 10.70 -23.56
CA PRO C 116 7.49 11.20 -24.75
C PRO C 116 7.25 12.67 -25.02
N SER C 117 5.98 13.03 -25.03
CA SER C 117 5.66 14.51 -25.25
CA SER C 117 5.57 14.42 -25.19
C SER C 117 6.01 15.54 -24.09
N MET C 118 5.91 15.02 -22.86
CA MET C 118 6.33 15.87 -21.78
C MET C 118 7.82 16.13 -21.84
N LEU C 119 8.60 15.07 -22.03
CA LEU C 119 10.05 15.19 -22.05
C LEU C 119 10.57 16.00 -23.23
N SER C 120 9.92 15.89 -24.38
CA SER C 120 10.32 16.66 -25.56
C SER C 120 10.01 18.16 -25.39
N ILE C 121 8.84 18.50 -24.84
CA ILE C 121 8.50 19.89 -24.54
C ILE C 121 9.50 20.51 -23.55
N VAL C 122 9.81 19.76 -22.49
CA VAL C 122 10.72 20.22 -21.49
C VAL C 122 12.11 20.44 -22.09
N ASP C 123 12.62 19.46 -22.82
CA ASP C 123 13.94 19.54 -23.44
C ASP C 123 14.09 20.79 -24.34
N GLU C 124 13.06 21.08 -25.14
CA GLU C 124 13.10 22.19 -26.07
C GLU C 124 12.79 23.55 -25.41
N GLU C 125 11.77 23.62 -24.54
CA GLU C 125 11.25 24.91 -24.08
C GLU C 125 11.61 25.28 -22.65
N TYR C 126 12.05 24.32 -21.86
CA TYR C 126 12.51 24.55 -20.50
C TYR C 126 13.86 23.87 -20.31
N PRO C 127 14.88 24.29 -21.08
CA PRO C 127 16.16 23.55 -21.15
C PRO C 127 16.97 23.49 -19.87
N ASP C 128 16.74 24.41 -18.92
CA ASP C 128 17.39 24.33 -17.60
C ASP C 128 16.63 23.48 -16.57
N LEU C 129 15.46 22.97 -16.94
CA LEU C 129 14.70 22.05 -16.08
C LEU C 129 15.37 20.70 -16.16
N GLU C 130 15.54 20.06 -15.00
CA GLU C 130 16.24 18.75 -14.89
C GLU C 130 15.22 17.78 -14.34
N PRO C 131 14.40 17.18 -15.20
CA PRO C 131 13.36 16.29 -14.66
C PRO C 131 13.91 14.93 -14.24
N HIS C 132 13.34 14.41 -13.16
CA HIS C 132 13.64 13.10 -12.63
C HIS C 132 12.27 12.48 -12.46
N ILE C 133 12.15 11.24 -12.89
CA ILE C 133 10.87 10.58 -13.06
C ILE C 133 10.84 9.40 -12.12
N VAL C 134 9.78 9.34 -11.32
CA VAL C 134 9.53 8.21 -10.45
C VAL C 134 8.16 7.66 -10.85
N GLU C 135 8.17 6.46 -11.45
CA GLU C 135 6.96 5.81 -11.89
C GLU C 135 6.63 4.84 -10.76
N ASP C 136 5.48 5.04 -10.11
CA ASP C 136 5.09 4.15 -9.02
C ASP C 136 3.61 4.30 -8.79
N GLN C 137 3.05 3.34 -8.08
CA GLN C 137 1.62 3.34 -7.76
C GLN C 137 1.27 4.45 -6.78
N THR C 138 -0.02 4.80 -6.79
CA THR C 138 -0.55 5.98 -6.14
C THR C 138 -0.16 6.11 -4.64
N LYS C 139 -0.36 5.03 -3.89
CA LYS C 139 -0.09 5.01 -2.45
C LYS C 139 1.38 5.31 -2.20
N HIS C 140 2.29 4.76 -3.03
CA HIS C 140 3.69 5.07 -2.90
C HIS C 140 4.01 6.50 -3.27
N LEU C 141 3.40 7.01 -4.35
CA LEU C 141 3.62 8.40 -4.74
C LEU C 141 3.18 9.36 -3.60
N LEU C 142 2.04 9.10 -2.96
CA LEU C 142 1.58 9.97 -1.89
C LEU C 142 2.55 9.92 -0.68
N ALA C 143 3.11 8.74 -0.39
CA ALA C 143 4.08 8.62 0.71
C ALA C 143 5.40 9.37 0.38
N LEU C 144 5.86 9.26 -0.86
CA LEU C 144 7.05 9.99 -1.30
C LEU C 144 6.82 11.51 -1.25
N LEU C 145 5.61 11.95 -1.61
CA LEU C 145 5.25 13.36 -1.51
C LEU C 145 5.31 13.83 -0.05
N ARG C 146 4.71 13.06 0.85
CA ARG C 146 4.70 13.42 2.27
C ARG C 146 6.13 13.50 2.82
N ASP C 147 7.04 12.58 2.40
CA ASP C 147 8.41 12.62 2.93
C ASP C 147 9.36 13.53 2.17
N GLY C 148 8.86 14.21 1.14
CA GLY C 148 9.65 15.16 0.37
C GLY C 148 10.55 14.54 -0.68
N ALA C 149 10.41 13.24 -0.96
CA ALA C 149 11.29 12.55 -1.90
C ALA C 149 10.92 12.81 -3.34
N ILE C 150 9.67 13.22 -3.59
CA ILE C 150 9.30 13.82 -4.87
C ILE C 150 8.63 15.18 -4.59
N ASP C 151 8.59 16.00 -5.63
CA ASP C 151 8.00 17.33 -5.58
C ASP C 151 6.51 17.37 -5.94
N VAL C 152 6.17 16.63 -7.00
CA VAL C 152 4.80 16.61 -7.51
C VAL C 152 4.47 15.20 -7.98
N ALA C 153 3.19 14.89 -8.06
CA ALA C 153 2.76 13.57 -8.49
C ALA C 153 1.56 13.69 -9.40
N MET C 154 1.65 13.02 -10.55
CA MET C 154 0.58 12.97 -11.52
C MET C 154 -0.19 11.68 -11.29
N MET C 155 -1.49 11.84 -11.00
CA MET C 155 -2.30 10.70 -10.61
C MET C 155 -3.76 11.05 -10.81
N ALA C 156 -4.62 10.07 -10.64
CA ALA C 156 -6.06 10.31 -10.71
C ALA C 156 -6.57 11.02 -9.46
N LEU C 157 -7.54 11.89 -9.66
CA LEU C 157 -8.19 12.62 -8.61
C LEU C 157 -9.56 11.99 -8.33
N PRO C 158 -10.06 12.12 -7.09
CA PRO C 158 -9.43 12.78 -5.91
C PRO C 158 -8.30 11.93 -5.31
N SER C 159 -7.25 12.61 -4.82
CA SER C 159 -6.15 11.92 -4.15
C SER C 159 -6.60 11.39 -2.79
N GLU C 160 -7.58 12.07 -2.18
CA GLU C 160 -8.09 11.77 -0.84
C GLU C 160 -6.98 11.79 0.22
N ALA C 161 -6.03 12.70 0.02
CA ALA C 161 -4.93 12.94 0.92
C ALA C 161 -5.13 14.36 1.45
N PRO C 162 -5.31 14.48 2.77
N PRO C 162 -5.58 14.41 2.70
CA PRO C 162 -5.61 15.71 3.52
CA PRO C 162 -5.55 15.69 3.37
C PRO C 162 -4.57 16.83 3.47
C PRO C 162 -4.04 15.92 3.50
N GLY C 163 -3.30 16.49 3.35
N GLY C 163 -3.66 17.15 3.31
CA GLY C 163 -2.26 17.50 3.41
CA GLY C 163 -2.24 17.46 3.32
C GLY C 163 -1.78 18.01 2.06
C GLY C 163 -1.75 17.94 1.96
N MET C 164 -2.49 17.66 1.00
CA MET C 164 -2.06 18.02 -0.35
C MET C 164 -2.99 18.93 -1.13
N LYS C 165 -2.42 19.64 -2.10
CA LYS C 165 -3.23 20.41 -3.06
C LYS C 165 -3.29 19.64 -4.36
N GLU C 166 -4.36 19.86 -5.12
CA GLU C 166 -4.57 19.19 -6.40
C GLU C 166 -4.80 20.22 -7.49
N ILE C 167 -4.06 20.13 -8.60
CA ILE C 167 -4.34 20.92 -9.79
C ILE C 167 -4.98 19.98 -10.82
N PRO C 168 -6.27 20.17 -11.16
CA PRO C 168 -6.88 19.32 -12.18
C PRO C 168 -6.22 19.57 -13.53
N LEU C 169 -5.89 18.50 -14.25
CA LEU C 169 -5.22 18.62 -15.56
C LEU C 169 -6.19 18.36 -16.70
N TYR C 170 -6.77 17.17 -16.73
CA TYR C 170 -7.68 16.77 -17.83
C TYR C 170 -8.49 15.55 -17.46
N ASP C 171 -9.57 15.33 -18.21
CA ASP C 171 -10.33 14.07 -18.18
C ASP C 171 -9.89 13.20 -19.34
N GLU C 172 -9.47 11.98 -19.05
CA GLU C 172 -9.01 11.05 -20.07
C GLU C 172 -10.02 9.94 -20.22
N ASP C 173 -10.54 9.79 -21.44
CA ASP C 173 -11.55 8.74 -21.69
C ASP C 173 -10.93 7.38 -21.65
N PHE C 174 -11.74 6.38 -21.28
CA PHE C 174 -11.39 5.00 -21.53
C PHE C 174 -11.89 4.55 -22.92
N ILE C 175 -11.35 3.42 -23.34
CA ILE C 175 -11.83 2.69 -24.50
C ILE C 175 -11.88 1.23 -24.12
N VAL C 176 -12.86 0.52 -24.67
CA VAL C 176 -12.98 -0.93 -24.46
C VAL C 176 -12.11 -1.64 -25.49
N VAL C 177 -11.36 -2.62 -25.04
CA VAL C 177 -10.49 -3.40 -25.89
C VAL C 177 -10.93 -4.86 -25.81
N THR C 178 -11.12 -5.46 -26.97
CA THR C 178 -11.59 -6.86 -27.07
C THR C 178 -10.77 -7.59 -28.10
N ALA C 179 -10.89 -8.90 -28.13
CA ALA C 179 -10.39 -9.69 -29.25
C ALA C 179 -11.10 -9.26 -30.51
N SER C 180 -10.40 -9.35 -31.62
CA SER C 180 -10.96 -9.07 -32.96
C SER C 180 -12.33 -9.71 -33.26
N ASP C 181 -12.50 -10.95 -32.86
CA ASP C 181 -13.75 -11.69 -33.12
C ASP C 181 -14.84 -11.53 -32.02
N HIS C 182 -14.62 -10.70 -31.02
CA HIS C 182 -15.61 -10.54 -29.95
C HIS C 182 -16.87 -9.88 -30.49
N PRO C 183 -18.03 -10.22 -29.94
CA PRO C 183 -19.28 -9.60 -30.53
C PRO C 183 -19.49 -8.08 -30.34
N PHE C 184 -18.88 -7.49 -29.32
CA PHE C 184 -18.87 -6.01 -29.20
C PHE C 184 -17.84 -5.27 -30.02
N ALA C 185 -16.91 -6.00 -30.63
CA ALA C 185 -15.82 -5.36 -31.40
C ALA C 185 -16.39 -4.29 -32.35
N GLY C 186 -15.86 -3.07 -32.23
CA GLY C 186 -16.24 -2.00 -33.15
C GLY C 186 -17.46 -1.22 -32.77
N ARG C 187 -18.24 -1.69 -31.80
CA ARG C 187 -19.42 -0.93 -31.38
C ARG C 187 -19.06 0.39 -30.72
N GLN C 188 -19.82 1.44 -31.03
CA GLN C 188 -19.60 2.79 -30.55
C GLN C 188 -20.75 3.31 -29.68
N ASP C 189 -21.67 2.42 -29.33
CA ASP C 189 -22.92 2.79 -28.65
C ASP C 189 -23.18 1.95 -27.37
N LEU C 190 -22.16 1.42 -26.74
CA LEU C 190 -22.37 0.55 -25.56
C LEU C 190 -22.95 1.36 -24.40
N GLU C 191 -23.77 0.71 -23.61
CA GLU C 191 -24.23 1.28 -22.32
C GLU C 191 -23.35 0.68 -21.25
N LEU C 192 -23.31 1.28 -20.06
CA LEU C 192 -22.47 0.76 -18.97
C LEU C 192 -22.81 -0.70 -18.62
N SER C 193 -24.09 -1.04 -18.70
CA SER C 193 -24.54 -2.42 -18.49
C SER C 193 -23.90 -3.48 -19.42
N ALA C 194 -23.36 -3.06 -20.57
CA ALA C 194 -22.59 -3.98 -21.41
C ALA C 194 -21.40 -4.61 -20.69
N LEU C 195 -20.89 -3.95 -19.65
CA LEU C 195 -19.79 -4.50 -18.85
C LEU C 195 -20.12 -5.87 -18.23
N GLU C 196 -21.40 -6.10 -17.92
CA GLU C 196 -21.91 -7.40 -17.41
C GLU C 196 -21.56 -8.56 -18.33
N ASP C 197 -21.57 -8.29 -19.63
CA ASP C 197 -21.35 -9.29 -20.65
C ASP C 197 -19.89 -9.50 -21.02
N LEU C 198 -18.97 -8.80 -20.36
CA LEU C 198 -17.53 -8.97 -20.60
C LEU C 198 -16.93 -9.75 -19.44
N ASP C 199 -15.94 -10.58 -19.73
CA ASP C 199 -15.06 -11.12 -18.72
C ASP C 199 -13.92 -10.13 -18.62
N LEU C 200 -13.99 -9.20 -17.66
CA LEU C 200 -13.00 -8.15 -17.53
C LEU C 200 -11.71 -8.70 -16.96
N LEU C 201 -10.59 -8.42 -17.66
CA LEU C 201 -9.25 -8.71 -17.14
C LEU C 201 -8.69 -7.38 -16.72
N LEU C 202 -8.31 -7.30 -15.46
CA LEU C 202 -7.87 -6.05 -14.86
C LEU C 202 -6.41 -6.14 -14.38
N LEU C 203 -5.78 -4.98 -14.27
CA LEU C 203 -4.54 -4.90 -13.52
C LEU C 203 -4.87 -5.26 -12.05
N ASP C 204 -3.88 -5.65 -11.26
CA ASP C 204 -4.13 -6.02 -9.86
C ASP C 204 -4.59 -4.78 -9.04
N ASP C 205 -4.99 -5.03 -7.79
N ASP C 205 -4.99 -5.02 -7.79
CA ASP C 205 -5.59 -4.02 -6.90
CA ASP C 205 -5.61 -3.99 -6.93
C ASP C 205 -4.73 -2.80 -6.55
C ASP C 205 -4.73 -2.79 -6.55
N GLY C 206 -3.42 -2.91 -6.74
CA GLY C 206 -2.52 -1.77 -6.52
C GLY C 206 -2.64 -0.62 -7.54
N HIS C 207 -3.34 -0.84 -8.66
CA HIS C 207 -3.43 0.16 -9.72
C HIS C 207 -4.74 0.91 -9.62
N SER C 208 -4.71 2.24 -9.68
CA SER C 208 -5.96 3.02 -9.67
C SER C 208 -6.91 2.70 -10.87
N LEU C 209 -6.36 2.27 -12.00
CA LEU C 209 -7.18 1.85 -13.12
C LEU C 209 -8.09 0.64 -12.78
N HIS C 210 -7.57 -0.32 -12.03
CA HIS C 210 -8.40 -1.41 -11.47
C HIS C 210 -9.66 -0.85 -10.77
N ASP C 211 -9.42 0.01 -9.78
CA ASP C 211 -10.50 0.57 -8.97
C ASP C 211 -11.47 1.40 -9.80
N GLN C 212 -10.96 2.11 -10.81
CA GLN C 212 -11.83 2.91 -11.66
C GLN C 212 -12.76 2.08 -12.52
N ILE C 213 -12.26 0.95 -13.01
CA ILE C 213 -13.08 0.05 -13.83
C ILE C 213 -14.12 -0.61 -12.93
N VAL C 214 -13.70 -1.04 -11.73
CA VAL C 214 -14.66 -1.59 -10.76
C VAL C 214 -15.78 -0.58 -10.46
N ASP C 215 -15.44 0.70 -10.26
CA ASP C 215 -16.47 1.73 -10.01
C ASP C 215 -17.42 1.94 -11.18
N LEU C 216 -16.91 1.78 -12.39
CA LEU C 216 -17.74 1.87 -13.58
C LEU C 216 -18.78 0.75 -13.59
N CYS C 217 -18.35 -0.46 -13.25
CA CYS C 217 -19.24 -1.60 -13.12
C CYS C 217 -20.33 -1.35 -12.06
N ARG C 218 -19.98 -0.73 -10.94
CA ARG C 218 -20.97 -0.42 -9.88
C ARG C 218 -22.02 0.61 -10.34
N ARG C 219 -21.58 1.59 -11.11
CA ARG C 219 -22.46 2.59 -11.67
C ARG C 219 -23.39 1.95 -12.69
N GLY C 220 -22.99 0.80 -13.19
CA GLY C 220 -23.77 0.06 -14.16
C GLY C 220 -24.58 -1.04 -13.52
N ASP C 221 -24.64 -1.03 -12.19
CA ASP C 221 -25.37 -2.05 -11.46
C ASP C 221 -24.92 -3.46 -11.78
N ILE C 222 -23.60 -3.65 -11.84
CA ILE C 222 -23.04 -4.95 -12.17
C ILE C 222 -22.41 -5.58 -10.94
N ALA C 230 -11.62 -14.17 -10.82
CA ALA C 230 -10.77 -13.39 -9.91
C ALA C 230 -9.27 -13.70 -10.12
N VAL C 231 -8.92 -14.88 -10.67
CA VAL C 231 -7.55 -15.37 -10.54
C VAL C 231 -6.61 -14.61 -11.46
N THR C 232 -6.93 -14.54 -12.75
CA THR C 232 -6.07 -13.88 -13.72
C THR C 232 -5.91 -12.38 -13.40
N ARG C 233 -4.68 -12.00 -13.10
CA ARG C 233 -4.34 -10.60 -12.86
C ARG C 233 -2.96 -10.28 -13.43
N ALA C 234 -2.81 -9.05 -13.89
CA ALA C 234 -1.56 -8.60 -14.48
C ALA C 234 -1.07 -7.32 -13.83
N SER C 235 0.23 -7.10 -13.92
CA SER C 235 0.83 -5.87 -13.47
C SER C 235 1.02 -4.84 -14.58
N SER C 236 0.88 -5.21 -15.86
CA SER C 236 1.00 -4.26 -16.97
C SER C 236 -0.08 -4.42 -18.03
N LEU C 237 -0.41 -3.32 -18.67
CA LEU C 237 -1.37 -3.31 -19.75
C LEU C 237 -0.93 -4.16 -20.93
N THR C 238 0.38 -4.25 -21.19
CA THR C 238 0.85 -5.05 -22.31
C THR C 238 0.54 -6.54 -22.08
N THR C 239 0.70 -7.02 -20.85
CA THR C 239 0.31 -8.39 -20.51
C THR C 239 -1.18 -8.60 -20.65
N VAL C 240 -1.96 -7.62 -20.22
CA VAL C 240 -3.42 -7.75 -20.36
C VAL C 240 -3.79 -7.87 -21.87
N MET C 241 -3.15 -7.08 -22.72
CA MET C 241 -3.44 -7.11 -24.15
C MET C 241 -3.16 -8.49 -24.75
N GLN C 242 -2.11 -9.17 -24.30
CA GLN C 242 -1.85 -10.52 -24.77
C GLN C 242 -2.96 -11.49 -24.38
N LEU C 243 -3.50 -11.31 -23.17
CA LEU C 243 -4.60 -12.15 -22.68
C LEU C 243 -5.86 -11.88 -23.51
N VAL C 244 -6.08 -10.61 -23.84
CA VAL C 244 -7.23 -10.22 -24.66
C VAL C 244 -7.11 -10.82 -26.06
N VAL C 245 -5.93 -10.75 -26.68
CA VAL C 245 -5.71 -11.31 -28.02
C VAL C 245 -6.00 -12.81 -28.01
N ALA C 246 -5.56 -13.48 -26.94
CA ALA C 246 -5.79 -14.91 -26.79
C ALA C 246 -7.24 -15.33 -26.48
N GLY C 247 -8.16 -14.35 -26.38
CA GLY C 247 -9.58 -14.61 -26.12
C GLY C 247 -9.92 -14.93 -24.66
N LEU C 248 -9.05 -14.57 -23.72
CA LEU C 248 -9.30 -14.84 -22.30
C LEU C 248 -10.16 -13.79 -21.63
N GLY C 249 -10.49 -12.71 -22.31
CA GLY C 249 -11.27 -11.63 -21.72
C GLY C 249 -11.16 -10.31 -22.48
N SER C 250 -11.79 -9.30 -21.92
CA SER C 250 -11.77 -7.95 -22.47
C SER C 250 -11.26 -7.01 -21.39
N THR C 251 -10.91 -5.78 -21.79
CA THR C 251 -10.50 -4.78 -20.82
C THR C 251 -10.85 -3.36 -21.23
N LEU C 252 -10.54 -2.41 -20.35
CA LEU C 252 -10.60 -0.98 -20.68
C LEU C 252 -9.23 -0.39 -20.45
N VAL C 253 -8.81 0.49 -21.39
CA VAL C 253 -7.55 1.22 -21.21
C VAL C 253 -7.79 2.71 -21.40
N PRO C 254 -6.90 3.54 -20.82
CA PRO C 254 -7.00 4.98 -21.11
C PRO C 254 -6.64 5.25 -22.56
N ILE C 255 -7.27 6.24 -23.19
CA ILE C 255 -7.03 6.50 -24.61
C ILE C 255 -5.58 6.81 -24.97
N SER C 256 -4.81 7.40 -24.06
CA SER C 256 -3.39 7.67 -24.33
C SER C 256 -2.60 6.39 -24.54
N ALA C 257 -3.07 5.25 -24.02
CA ALA C 257 -2.41 3.99 -24.29
C ALA C 257 -2.60 3.43 -25.75
N ILE C 258 -3.59 3.90 -26.46
CA ILE C 258 -3.99 3.27 -27.74
C ILE C 258 -2.82 3.03 -28.71
N PRO C 259 -2.02 4.06 -29.01
CA PRO C 259 -0.99 3.82 -30.02
C PRO C 259 0.11 2.87 -29.56
N TRP C 260 0.24 2.66 -28.26
CA TRP C 260 1.32 1.85 -27.71
C TRP C 260 0.94 0.42 -27.43
N GLU C 261 -0.34 0.19 -27.18
CA GLU C 261 -0.84 -1.09 -26.67
C GLU C 261 -1.90 -1.74 -27.55
N CYS C 262 -2.69 -0.95 -28.29
CA CYS C 262 -3.91 -1.43 -28.96
C CYS C 262 -3.85 -1.61 -30.46
N THR C 263 -2.66 -1.50 -31.04
CA THR C 263 -2.45 -1.69 -32.47
C THR C 263 -1.88 -3.06 -32.82
N ARG C 264 -1.54 -3.87 -31.83
CA ARG C 264 -1.04 -5.22 -32.15
C ARG C 264 -2.15 -6.04 -32.82
N PRO C 265 -1.75 -7.04 -33.64
CA PRO C 265 -2.77 -7.82 -34.37
C PRO C 265 -3.64 -8.63 -33.40
N GLY C 266 -4.94 -8.73 -33.72
CA GLY C 266 -5.87 -9.50 -32.92
C GLY C 266 -6.69 -8.76 -31.88
N LEU C 267 -6.58 -7.44 -31.85
CA LEU C 267 -7.38 -6.59 -30.98
C LEU C 267 -8.38 -5.78 -31.76
N ALA C 268 -9.51 -5.49 -31.15
CA ALA C 268 -10.42 -4.47 -31.66
C ALA C 268 -10.81 -3.60 -30.46
N THR C 269 -11.47 -2.50 -30.75
CA THR C 269 -11.92 -1.56 -29.77
C THR C 269 -13.39 -1.27 -29.91
N ALA C 270 -13.97 -0.74 -28.86
CA ALA C 270 -15.36 -0.34 -28.80
C ALA C 270 -15.50 0.82 -27.81
N ASN C 271 -16.58 1.57 -27.88
CA ASN C 271 -16.82 2.67 -26.96
C ASN C 271 -18.25 2.69 -26.44
N PHE C 272 -18.40 3.31 -25.28
CA PHE C 272 -19.71 3.61 -24.74
C PHE C 272 -20.30 4.77 -25.53
N ASN C 273 -21.63 4.89 -25.48
CA ASN C 273 -22.35 5.95 -26.19
CA ASN C 273 -22.32 5.96 -26.20
C ASN C 273 -22.04 7.34 -25.62
N SER C 274 -22.39 8.35 -26.39
N SER C 274 -22.37 8.35 -26.39
CA SER C 274 -22.11 9.76 -26.09
CA SER C 274 -22.10 9.75 -26.09
C SER C 274 -22.61 10.23 -24.72
C SER C 274 -22.60 10.23 -24.73
N ASP C 275 -23.75 9.70 -24.26
CA ASP C 275 -24.33 10.06 -22.94
CA ASP C 275 -24.31 10.09 -22.94
C ASP C 275 -23.67 9.41 -21.74
N VAL C 276 -22.81 8.43 -21.95
CA VAL C 276 -22.11 7.73 -20.84
C VAL C 276 -20.79 8.42 -20.51
N THR C 277 -20.50 8.58 -19.25
CA THR C 277 -19.21 9.10 -18.81
C THR C 277 -18.36 7.94 -18.35
N ALA C 278 -17.23 7.75 -19.01
CA ALA C 278 -16.31 6.68 -18.70
C ALA C 278 -14.89 7.19 -18.93
N ASN C 279 -14.35 7.79 -17.90
CA ASN C 279 -13.09 8.49 -17.97
C ASN C 279 -12.39 8.50 -16.57
N ARG C 280 -11.18 9.02 -16.52
CA ARG C 280 -10.52 9.30 -15.24
C ARG C 280 -10.07 10.74 -15.28
N ARG C 281 -10.11 11.38 -14.11
CA ARG C 281 -9.65 12.76 -13.96
C ARG C 281 -8.21 12.70 -13.47
N ILE C 282 -7.29 13.21 -14.27
CA ILE C 282 -5.89 13.27 -13.93
C ILE C 282 -5.57 14.65 -13.38
N GLY C 283 -4.70 14.68 -12.38
CA GLY C 283 -4.33 15.90 -11.68
C GLY C 283 -2.89 15.87 -11.21
N LEU C 284 -2.40 17.05 -10.82
CA LEU C 284 -1.06 17.21 -10.32
C LEU C 284 -1.21 17.47 -8.82
N VAL C 285 -0.58 16.63 -8.02
CA VAL C 285 -0.75 16.66 -6.57
C VAL C 285 0.59 17.10 -5.96
N TYR C 286 0.50 18.00 -4.98
CA TYR C 286 1.69 18.45 -4.23
C TYR C 286 1.37 18.84 -2.78
N ARG C 287 2.40 18.99 -1.96
CA ARG C 287 2.22 19.31 -0.51
C ARG C 287 1.64 20.71 -0.37
N SER C 288 0.56 20.87 0.38
CA SER C 288 -0.05 22.20 0.58
C SER C 288 0.87 23.15 1.38
N SER C 289 1.85 22.61 2.08
CA SER C 289 2.89 23.41 2.71
C SER C 289 3.91 23.97 1.71
N SER C 290 3.96 23.46 0.48
CA SER C 290 4.93 23.95 -0.50
C SER C 290 4.68 25.42 -0.81
N SER C 291 5.76 26.16 -1.07
N SER C 291 5.76 26.16 -1.06
CA SER C 291 5.65 27.54 -1.50
CA SER C 291 5.63 27.55 -1.51
C SER C 291 5.73 27.65 -3.03
C SER C 291 5.74 27.65 -3.03
N ARG C 292 5.81 26.53 -3.73
CA ARG C 292 6.10 26.52 -5.17
C ARG C 292 4.85 26.40 -6.09
N ALA C 293 3.69 26.80 -5.56
CA ALA C 293 2.45 26.78 -6.31
C ALA C 293 2.59 27.29 -7.76
N GLU C 294 3.24 28.45 -7.89
CA GLU C 294 3.33 29.12 -9.20
C GLU C 294 4.11 28.28 -10.21
N GLU C 295 5.23 27.69 -9.79
CA GLU C 295 5.99 26.77 -10.64
C GLU C 295 5.23 25.49 -10.99
N PHE C 296 4.56 24.91 -10.00
CA PHE C 296 3.80 23.70 -10.24
C PHE C 296 2.62 23.94 -11.20
N GLU C 297 2.02 25.13 -11.12
CA GLU C 297 0.98 25.57 -12.05
C GLU C 297 1.51 25.69 -13.48
N GLN C 298 2.75 26.15 -13.63
CA GLN C 298 3.38 26.17 -14.95
C GLN C 298 3.68 24.77 -15.42
N PHE C 299 4.13 23.91 -14.50
CA PHE C 299 4.38 22.54 -14.89
C PHE C 299 3.09 21.87 -15.35
N ALA C 300 1.99 22.17 -14.66
CA ALA C 300 0.68 21.66 -15.05
C ALA C 300 0.34 21.96 -16.51
N LEU C 301 0.62 23.19 -16.94
CA LEU C 301 0.37 23.57 -18.35
C LEU C 301 1.14 22.66 -19.33
N ILE C 302 2.38 22.30 -18.99
CA ILE C 302 3.19 21.38 -19.78
C ILE C 302 2.52 20.00 -19.89
N LEU C 303 2.04 19.51 -18.76
CA LEU C 303 1.38 18.24 -18.73
C LEU C 303 0.05 18.24 -19.52
N GLN C 304 -0.70 19.33 -19.45
CA GLN C 304 -1.91 19.45 -20.25
C GLN C 304 -1.61 19.44 -21.74
N ARG C 305 -0.52 20.10 -22.13
CA ARG C 305 -0.10 20.08 -23.53
C ARG C 305 0.39 18.68 -23.95
N ALA C 306 1.16 18.03 -23.07
CA ALA C 306 1.63 16.68 -23.37
C ALA C 306 0.48 15.70 -23.60
N PHE C 307 -0.57 15.82 -22.78
CA PHE C 307 -1.73 14.98 -22.92
C PHE C 307 -2.43 15.23 -24.28
N GLN C 308 -2.57 16.49 -24.68
CA GLN C 308 -3.16 16.84 -25.98
C GLN C 308 -2.42 16.18 -27.14
N GLU C 309 -1.10 16.15 -27.05
CA GLU C 309 -0.28 15.46 -28.03
C GLU C 309 -0.46 13.91 -27.99
N ALA C 310 -0.58 13.35 -26.80
CA ALA C 310 -0.86 11.92 -26.66
C ALA C 310 -2.24 11.54 -27.25
N VAL C 311 -3.21 12.44 -27.07
CA VAL C 311 -4.54 12.27 -27.60
C VAL C 311 -4.49 12.39 -29.14
N ALA C 312 -3.68 13.32 -29.66
CA ALA C 312 -3.53 13.45 -31.11
C ALA C 312 -2.89 12.19 -31.66
N LEU C 313 -1.90 11.61 -30.95
CA LEU C 313 -1.31 10.36 -31.38
C LEU C 313 -2.36 9.24 -31.45
N ALA C 314 -3.22 9.18 -30.44
CA ALA C 314 -4.33 8.24 -30.45
C ALA C 314 -5.29 8.45 -31.67
N ALA C 315 -5.67 9.69 -31.94
CA ALA C 315 -6.49 10.01 -33.08
C ALA C 315 -5.80 9.67 -34.42
N SER C 316 -4.48 9.79 -34.48
CA SER C 316 -3.72 9.48 -35.69
CA SER C 316 -3.71 9.48 -35.69
C SER C 316 -3.78 8.00 -36.10
N THR C 317 -4.16 7.11 -35.19
CA THR C 317 -4.23 5.70 -35.51
C THR C 317 -5.41 5.35 -36.42
N GLY C 318 -6.42 6.23 -36.47
CA GLY C 318 -7.66 5.94 -37.17
C GLY C 318 -8.74 5.19 -36.40
N ILE C 319 -8.42 4.81 -35.16
CA ILE C 319 -9.32 4.07 -34.29
C ILE C 319 -10.33 5.10 -33.78
N THR C 320 -11.60 4.79 -33.82
CA THR C 320 -12.64 5.70 -33.38
C THR C 320 -12.58 5.85 -31.84
N LEU C 321 -12.57 7.09 -31.36
CA LEU C 321 -12.47 7.42 -29.96
C LEU C 321 -13.85 7.76 -29.40
N LYS C 322 -13.97 7.67 -28.09
CA LYS C 322 -15.20 8.05 -27.40
C LYS C 322 -15.60 9.47 -27.78
N GLN C 323 -16.86 9.59 -28.12
CA GLN C 323 -17.52 10.95 -28.21
CA GLN C 323 -17.61 10.86 -28.25
C GLN C 323 -18.30 11.56 -26.98
N ASN C 324 -18.10 12.79 -26.54
CA ASN C 324 -18.68 13.20 -25.29
C ASN C 324 -19.50 14.42 -25.55
N VAL C 325 -20.51 14.64 -24.72
CA VAL C 325 -21.26 15.83 -24.89
C VAL C 325 -20.33 16.92 -24.42
N ALA C 326 -20.05 17.88 -25.28
CA ALA C 326 -18.90 18.73 -25.06
C ALA C 326 -19.19 19.94 -24.19
N VAL C 327 -19.48 19.76 -22.92
CA VAL C 327 -19.75 20.91 -22.09
C VAL C 327 -18.57 21.35 -21.24
N ASN D 5 20.73 42.18 -13.83
CA ASN D 5 20.96 41.13 -14.80
C ASN D 5 20.39 39.81 -14.29
N LYS D 6 20.24 38.83 -15.17
CA LYS D 6 19.65 37.56 -14.78
C LYS D 6 20.38 36.73 -13.71
N GLU D 7 21.70 36.64 -13.79
CA GLU D 7 22.49 35.82 -12.88
C GLU D 7 22.47 36.13 -11.37
N TYR D 8 21.87 37.23 -10.95
CA TYR D 8 21.93 37.60 -9.56
C TYR D 8 21.29 36.67 -8.55
N ARG D 9 22.04 36.42 -7.49
CA ARG D 9 21.63 35.60 -6.36
C ARG D 9 21.83 36.43 -5.10
N PRO D 10 20.78 36.63 -4.29
CA PRO D 10 20.99 37.41 -3.05
C PRO D 10 21.94 36.74 -2.09
N THR D 11 22.65 37.55 -1.32
CA THR D 11 23.51 37.01 -0.27
C THR D 11 22.75 37.06 1.04
N LEU D 12 23.18 36.24 1.98
CA LEU D 12 22.63 36.34 3.32
C LEU D 12 22.83 37.76 3.91
N ALA D 13 23.98 38.37 3.66
CA ALA D 13 24.23 39.73 4.21
C ALA D 13 23.20 40.73 3.70
N GLN D 14 22.83 40.61 2.43
CA GLN D 14 21.82 41.49 1.88
C GLN D 14 20.45 41.27 2.53
N LEU D 15 20.11 39.99 2.73
CA LEU D 15 18.87 39.64 3.37
C LEU D 15 18.84 40.12 4.82
N ARG D 16 19.96 40.00 5.54
CA ARG D 16 20.05 40.50 6.92
C ARG D 16 19.75 41.97 6.96
N THR D 17 20.33 42.72 6.04
CA THR D 17 20.06 44.15 5.99
C THR D 17 18.57 44.43 5.81
N PHE D 18 17.95 43.77 4.83
CA PHE D 18 16.54 44.00 4.57
C PHE D 18 15.66 43.70 5.82
N VAL D 19 15.90 42.53 6.39
CA VAL D 19 15.07 42.02 7.49
C VAL D 19 15.27 42.89 8.71
N THR D 20 16.50 43.27 9.01
CA THR D 20 16.79 44.09 10.17
C THR D 20 16.12 45.44 10.05
N ILE D 21 16.19 46.09 8.88
CA ILE D 21 15.52 47.38 8.68
C ILE D 21 14.01 47.22 8.92
N ALA D 22 13.44 46.15 8.34
CA ALA D 22 11.99 45.92 8.45
C ALA D 22 11.54 45.74 9.88
N GLU D 23 12.39 45.09 10.69
CA GLU D 23 12.09 44.83 12.11
C GLU D 23 12.39 46.03 13.01
N CYS D 24 13.55 46.69 12.82
CA CYS D 24 13.90 47.85 13.67
C CYS D 24 13.11 49.12 13.38
N LYS D 25 12.67 49.29 12.12
CA LYS D 25 11.94 50.46 11.67
C LYS D 25 12.73 51.78 11.76
N HIS D 26 14.06 51.65 11.82
CA HIS D 26 14.98 52.77 11.90
C HIS D 26 16.30 52.28 11.31
N PHE D 27 16.82 53.04 10.33
CA PHE D 27 18.04 52.65 9.61
C PHE D 27 19.25 52.67 10.53
N GLY D 28 19.36 53.71 11.37
CA GLY D 28 20.48 53.83 12.31
C GLY D 28 20.54 52.68 13.31
N THR D 29 19.40 52.34 13.90
CA THR D 29 19.32 51.21 14.81
C THR D 29 19.66 49.92 14.04
N ALA D 30 19.16 49.79 12.81
CA ALA D 30 19.42 48.58 12.02
C ALA D 30 20.91 48.42 11.75
N ALA D 31 21.55 49.53 11.38
CA ALA D 31 22.98 49.51 11.07
C ALA D 31 23.81 49.12 12.29
N THR D 32 23.46 49.72 13.44
CA THR D 32 24.20 49.43 14.68
C THR D 32 23.97 47.98 15.08
N LYS D 33 22.77 47.47 14.85
CA LYS D 33 22.48 46.04 15.16
C LYS D 33 23.38 45.09 14.39
N LEU D 34 23.69 45.45 13.14
CA LEU D 34 24.54 44.62 12.27
C LEU D 34 26.02 44.99 12.33
N SER D 35 26.40 45.97 13.17
CA SER D 35 27.78 46.43 13.30
C SER D 35 28.36 46.92 12.00
N ILE D 36 27.57 47.68 11.24
CA ILE D 36 28.04 48.29 9.99
C ILE D 36 27.62 49.74 9.99
N SER D 37 28.21 50.49 9.09
CA SER D 37 27.84 51.88 8.87
C SER D 37 26.51 52.00 8.15
N GLN D 38 25.87 53.15 8.25
CA GLN D 38 24.66 53.44 7.48
C GLN D 38 24.87 53.46 5.96
N PRO D 39 25.99 54.01 5.46
CA PRO D 39 26.31 53.80 4.02
C PRO D 39 26.41 52.32 3.62
N SER D 40 27.05 51.47 4.44
CA SER D 40 27.14 50.02 4.13
C SER D 40 25.78 49.35 4.09
N LEU D 41 24.93 49.71 5.04
CA LEU D 41 23.54 49.24 5.09
C LEU D 41 22.80 49.62 3.81
N SER D 42 22.87 50.89 3.42
CA SER D 42 22.19 51.38 2.21
C SER D 42 22.71 50.69 0.93
N GLN D 43 24.02 50.47 0.85
CA GLN D 43 24.67 49.77 -0.28
C GLN D 43 24.13 48.34 -0.42
N ALA D 44 24.04 47.63 0.71
CA ALA D 44 23.52 46.28 0.72
C ALA D 44 22.04 46.24 0.31
N LEU D 45 21.25 47.16 0.84
CA LEU D 45 19.85 47.21 0.46
C LEU D 45 19.65 47.51 -1.01
N VAL D 46 20.36 48.50 -1.54
CA VAL D 46 20.22 48.91 -2.95
CA VAL D 46 20.13 48.86 -2.94
C VAL D 46 20.73 47.79 -3.89
N ALA D 47 21.78 47.09 -3.48
CA ALA D 47 22.26 45.93 -4.24
C ALA D 47 21.18 44.84 -4.32
N LEU D 48 20.49 44.59 -3.20
CA LEU D 48 19.39 43.65 -3.17
C LEU D 48 18.22 44.12 -4.07
N GLU D 49 17.84 45.38 -3.95
CA GLU D 49 16.74 45.92 -4.72
CA GLU D 49 16.72 45.89 -4.72
C GLU D 49 17.02 45.92 -6.23
N THR D 50 18.24 46.30 -6.60
CA THR D 50 18.66 46.31 -8.00
C THR D 50 18.74 44.89 -8.55
N GLY D 51 19.34 43.97 -7.78
CA GLY D 51 19.44 42.61 -8.23
C GLY D 51 18.07 41.94 -8.45
N LEU D 52 17.13 42.21 -7.53
N LEU D 52 17.18 42.10 -7.50
CA LEU D 52 15.76 41.78 -7.69
CA LEU D 52 15.82 41.65 -7.62
C LEU D 52 15.57 43.11 -8.33
C LEU D 52 14.99 42.42 -8.66
N GLY D 53 14.69 43.28 -9.27
N GLY D 53 15.23 43.72 -8.84
CA GLY D 53 14.33 44.64 -9.78
CA GLY D 53 14.41 44.55 -9.77
C GLY D 53 13.09 45.11 -9.04
C GLY D 53 13.13 45.01 -9.07
N VAL D 54 13.14 45.05 -7.71
CA VAL D 54 12.00 45.32 -6.86
C VAL D 54 12.44 46.26 -5.73
N GLN D 55 11.69 47.34 -5.56
CA GLN D 55 11.88 48.23 -4.40
C GLN D 55 11.22 47.62 -3.16
N LEU D 56 12.01 47.37 -2.12
CA LEU D 56 11.57 46.76 -0.87
C LEU D 56 11.26 47.74 0.25
N ILE D 57 11.92 48.89 0.23
CA ILE D 57 11.82 49.90 1.28
C ILE D 57 11.71 51.28 0.63
N GLU D 58 10.77 52.13 1.07
CA GLU D 58 10.60 53.45 0.46
C GLU D 58 11.76 54.44 0.73
N ARG D 59 11.98 55.44 -0.12
CA ARG D 59 13.34 56.02 -0.21
C ARG D 59 13.66 57.47 0.23
N SER D 60 12.67 58.38 0.32
CA SER D 60 12.99 59.82 0.55
C SER D 60 12.67 60.31 1.97
N THR D 61 13.07 59.51 2.98
CA THR D 61 12.59 59.71 4.35
C THR D 61 13.47 58.96 5.37
N ARG D 62 13.56 59.49 6.59
CA ARG D 62 14.18 58.72 7.68
C ARG D 62 13.24 57.71 8.35
N LYS D 63 11.93 57.75 8.02
CA LYS D 63 11.01 56.73 8.52
C LYS D 63 11.13 55.52 7.61
N VAL D 64 11.01 54.31 8.17
CA VAL D 64 11.07 53.07 7.39
C VAL D 64 9.66 52.65 7.00
N ILE D 65 9.38 52.55 5.70
CA ILE D 65 8.13 52.03 5.19
C ILE D 65 8.53 50.89 4.29
N VAL D 66 8.01 49.71 4.57
CA VAL D 66 8.24 48.53 3.72
C VAL D 66 7.20 48.69 2.60
N THR D 67 7.61 48.47 1.34
CA THR D 67 6.66 48.52 0.21
C THR D 67 5.76 47.27 0.19
N PRO D 68 4.66 47.28 -0.59
CA PRO D 68 3.86 46.04 -0.72
C PRO D 68 4.71 44.82 -1.11
N ALA D 69 5.61 44.98 -2.08
CA ALA D 69 6.55 43.93 -2.47
C ALA D 69 7.45 43.48 -1.33
N GLY D 70 7.98 44.43 -0.57
CA GLY D 70 8.81 44.10 0.61
C GLY D 70 8.05 43.34 1.66
N GLU D 71 6.80 43.73 1.90
CA GLU D 71 5.97 43.03 2.89
C GLU D 71 5.72 41.57 2.47
N LYS D 72 5.50 41.35 1.18
CA LYS D 72 5.31 39.99 0.68
C LYS D 72 6.59 39.16 0.72
N LEU D 73 7.74 39.77 0.48
CA LEU D 73 9.00 39.03 0.51
C LEU D 73 9.62 38.85 1.90
N LEU D 74 9.23 39.72 2.86
CA LEU D 74 9.80 39.66 4.22
C LEU D 74 9.79 38.25 4.83
N PRO D 75 8.64 37.53 4.80
CA PRO D 75 8.67 36.19 5.43
C PRO D 75 9.62 35.20 4.77
N PHE D 76 9.83 35.33 3.46
CA PHE D 76 10.77 34.44 2.78
C PHE D 76 12.22 34.78 3.15
N ALA D 77 12.51 36.08 3.31
CA ALA D 77 13.82 36.52 3.75
C ALA D 77 14.08 36.02 5.17
N LYS D 78 13.08 36.15 6.03
CA LYS D 78 13.17 35.69 7.41
C LYS D 78 13.43 34.20 7.50
N SER D 79 12.73 33.41 6.70
CA SER D 79 12.95 31.95 6.69
C SER D 79 14.36 31.60 6.35
N THR D 80 14.94 32.34 5.39
CA THR D 80 16.28 32.04 4.94
C THR D 80 17.29 32.28 6.07
N LEU D 81 17.14 33.43 6.71
CA LEU D 81 18.02 33.81 7.81
C LEU D 81 17.87 32.89 8.98
N ASP D 82 16.65 32.43 9.26
CA ASP D 82 16.41 31.46 10.36
C ASP D 82 17.04 30.11 10.02
N ALA D 83 16.90 29.65 8.78
CA ALA D 83 17.60 28.44 8.39
C ALA D 83 19.15 28.57 8.52
N ALA D 84 19.69 29.72 8.14
CA ALA D 84 21.14 29.92 8.22
C ALA D 84 21.63 29.98 9.66
N GLU D 85 20.89 30.67 10.52
CA GLU D 85 21.20 30.70 11.98
C GLU D 85 21.16 29.30 12.55
N SER D 86 20.15 28.52 12.17
CA SER D 86 20.08 27.13 12.67
C SER D 86 21.27 26.28 12.21
N PHE D 87 21.73 26.48 10.97
CA PHE D 87 22.94 25.77 10.50
C PHE D 87 24.13 26.11 11.37
N LEU D 88 24.32 27.41 11.60
CA LEU D 88 25.47 27.88 12.35
C LEU D 88 25.43 27.39 13.81
N SER D 89 24.26 27.48 14.43
CA SER D 89 24.09 27.03 15.82
C SER D 89 24.36 25.53 15.98
N HIS D 90 23.89 24.72 15.02
CA HIS D 90 24.13 23.29 15.08
C HIS D 90 25.55 22.90 14.79
N ALA D 91 26.31 23.76 14.11
CA ALA D 91 27.71 23.46 13.82
C ALA D 91 28.55 23.29 15.08
N LYS D 92 28.15 23.97 16.14
CA LYS D 92 28.80 23.91 17.44
C LYS D 92 28.71 22.48 17.98
N GLY D 93 27.54 21.89 17.84
CA GLY D 93 27.25 20.50 18.26
C GLY D 93 27.65 19.37 17.32
N ALA D 94 27.99 19.67 16.06
CA ALA D 94 28.05 18.61 15.02
C ALA D 94 29.13 17.57 15.25
N ASN D 95 30.24 17.96 15.90
CA ASN D 95 31.22 16.94 16.36
C ASN D 95 30.86 16.13 17.58
N GLY D 96 29.81 16.50 18.32
CA GLY D 96 29.30 15.72 19.41
C GLY D 96 28.49 14.50 19.00
N SER D 97 28.62 13.43 19.76
CA SER D 97 27.88 12.20 19.45
C SER D 97 26.44 12.30 19.93
N LEU D 98 25.51 11.91 19.07
CA LEU D 98 24.08 11.97 19.36
C LEU D 98 23.70 13.35 19.86
N THR D 99 23.98 14.33 19.02
CA THR D 99 23.56 15.71 19.25
C THR D 99 22.71 16.11 18.06
N GLY D 100 21.83 17.08 18.28
CA GLY D 100 20.95 17.57 17.22
C GLY D 100 19.81 16.62 16.90
N PRO D 101 19.07 16.88 15.82
CA PRO D 101 17.93 16.04 15.41
C PRO D 101 18.34 14.61 15.12
N LEU D 102 17.52 13.69 15.56
CA LEU D 102 17.64 12.28 15.18
C LEU D 102 16.22 11.80 15.05
N THR D 103 15.85 11.37 13.86
CA THR D 103 14.52 10.84 13.64
C THR D 103 14.61 9.32 13.69
N VAL D 104 13.84 8.73 14.62
CA VAL D 104 13.91 7.30 14.88
C VAL D 104 12.56 6.69 14.51
N GLY D 105 12.60 5.73 13.60
CA GLY D 105 11.41 4.98 13.23
C GLY D 105 11.32 3.78 14.17
N ILE D 106 10.12 3.44 14.61
CA ILE D 106 9.92 2.27 15.45
C ILE D 106 8.62 1.58 15.09
N ILE D 107 8.66 0.23 15.01
CA ILE D 107 7.47 -0.57 14.72
C ILE D 107 6.43 -0.46 15.84
N PRO D 108 5.12 -0.49 15.50
CA PRO D 108 4.08 -0.24 16.50
C PRO D 108 3.98 -1.20 17.66
N THR D 109 4.46 -2.43 17.49
CA THR D 109 4.46 -3.41 18.58
C THR D 109 5.74 -3.38 19.42
N ALA D 110 6.63 -2.44 19.17
CA ALA D 110 7.73 -2.13 20.09
C ALA D 110 7.67 -0.72 20.66
N ALA D 111 7.24 0.26 19.85
CA ALA D 111 7.30 1.69 20.20
C ALA D 111 6.75 2.09 21.57
N PRO D 112 5.48 1.84 21.84
CA PRO D 112 4.91 2.32 23.08
C PRO D 112 5.60 1.72 24.33
N TYR D 113 6.27 0.59 24.18
CA TYR D 113 6.80 -0.16 25.29
C TYR D 113 8.27 0.17 25.55
N ILE D 114 8.98 0.56 24.50
CA ILE D 114 10.38 0.93 24.62
C ILE D 114 10.53 2.46 24.86
N LEU D 115 9.57 3.26 24.41
CA LEU D 115 9.74 4.72 24.43
C LEU D 115 9.94 5.33 25.82
N PRO D 116 9.19 4.89 26.83
CA PRO D 116 9.40 5.62 28.11
C PRO D 116 10.84 5.59 28.57
N SER D 117 11.46 4.41 28.57
CA SER D 117 12.85 4.25 29.01
C SER D 117 13.82 4.89 28.02
N MET D 118 13.60 4.69 26.77
CA MET D 118 14.45 5.28 25.81
C MET D 118 14.51 6.78 25.96
N LEU D 119 13.38 7.40 25.98
CA LEU D 119 13.28 8.85 26.05
C LEU D 119 13.85 9.43 27.36
N SER D 120 13.69 8.69 28.45
CA SER D 120 14.26 9.12 29.74
C SER D 120 15.81 9.03 29.74
N ILE D 121 16.37 7.98 29.18
CA ILE D 121 17.82 7.84 29.01
C ILE D 121 18.40 8.96 28.14
N VAL D 122 17.73 9.24 27.03
CA VAL D 122 18.11 10.29 26.13
C VAL D 122 18.06 11.65 26.84
N ASP D 123 16.97 11.95 27.52
CA ASP D 123 16.83 13.22 28.24
C ASP D 123 17.98 13.47 29.27
N GLU D 124 18.32 12.42 30.00
CA GLU D 124 19.38 12.49 31.04
C GLU D 124 20.81 12.41 30.46
N GLU D 125 21.07 11.52 29.51
CA GLU D 125 22.44 11.23 29.06
C GLU D 125 22.86 11.83 27.73
N TYR D 126 21.87 12.21 26.92
CA TYR D 126 22.13 12.89 25.67
C TYR D 126 21.23 14.12 25.56
N PRO D 127 21.42 15.10 26.47
CA PRO D 127 20.53 16.28 26.52
C PRO D 127 20.54 17.20 25.31
N ASP D 128 21.56 17.12 24.46
CA ASP D 128 21.58 17.86 23.19
C ASP D 128 20.92 17.10 22.01
N LEU D 129 20.46 15.88 22.24
CA LEU D 129 19.70 15.13 21.23
C LEU D 129 18.30 15.69 21.18
N GLU D 130 17.78 15.88 19.96
CA GLU D 130 16.42 16.34 19.70
CA GLU D 130 16.42 16.32 19.74
C GLU D 130 15.69 15.20 18.99
N PRO D 131 15.13 14.26 19.76
CA PRO D 131 14.55 13.08 19.11
C PRO D 131 13.19 13.36 18.47
N HIS D 132 12.94 12.71 17.35
CA HIS D 132 11.67 12.73 16.66
C HIS D 132 11.36 11.28 16.39
N ILE D 133 10.13 10.91 16.63
CA ILE D 133 9.73 9.51 16.65
C ILE D 133 8.71 9.32 15.57
N VAL D 134 8.93 8.33 14.72
CA VAL D 134 7.96 7.95 13.71
C VAL D 134 7.59 6.48 13.96
N GLU D 135 6.34 6.26 14.35
CA GLU D 135 5.85 4.94 14.63
C GLU D 135 5.12 4.50 13.36
N ASP D 136 5.61 3.46 12.72
CA ASP D 136 4.98 2.98 11.47
C ASP D 136 5.40 1.56 11.21
N GLN D 137 4.68 0.89 10.34
CA GLN D 137 4.97 -0.50 9.98
C GLN D 137 6.27 -0.63 9.21
N THR D 138 6.83 -1.82 9.23
CA THR D 138 8.17 -2.11 8.74
C THR D 138 8.41 -1.64 7.28
N LYS D 139 7.51 -1.99 6.38
CA LYS D 139 7.68 -1.65 4.96
C LYS D 139 7.72 -0.13 4.80
N HIS D 140 6.89 0.60 5.56
CA HIS D 140 6.95 2.07 5.52
C HIS D 140 8.23 2.61 6.13
N LEU D 141 8.70 2.04 7.25
CA LEU D 141 9.96 2.48 7.85
C LEU D 141 11.12 2.26 6.87
N LEU D 142 11.15 1.13 6.15
CA LEU D 142 12.23 0.91 5.18
C LEU D 142 12.19 1.91 4.03
N ALA D 143 11.00 2.30 3.59
CA ALA D 143 10.85 3.33 2.55
C ALA D 143 11.30 4.71 3.05
N LEU D 144 10.94 5.06 4.28
CA LEU D 144 11.39 6.31 4.89
C LEU D 144 12.93 6.34 5.04
N LEU D 145 13.51 5.22 5.41
CA LEU D 145 14.97 5.10 5.51
C LEU D 145 15.63 5.31 4.14
N ARG D 146 15.09 4.67 3.11
CA ARG D 146 15.64 4.82 1.75
C ARG D 146 15.52 6.26 1.27
N ASP D 147 14.45 6.97 1.62
CA ASP D 147 14.25 8.39 1.18
C ASP D 147 14.98 9.39 2.06
N GLY D 148 15.56 8.94 3.17
CA GLY D 148 16.25 9.83 4.12
C GLY D 148 15.32 10.54 5.09
N ALA D 149 14.05 10.17 5.15
CA ALA D 149 13.08 10.86 5.99
C ALA D 149 13.17 10.43 7.45
N ILE D 150 13.76 9.26 7.71
CA ILE D 150 14.23 8.90 9.03
C ILE D 150 15.68 8.47 8.95
N ASP D 151 16.36 8.52 10.10
CA ASP D 151 17.78 8.21 10.21
C ASP D 151 18.06 6.76 10.57
N VAL D 152 17.29 6.23 11.50
CA VAL D 152 17.43 4.84 11.94
C VAL D 152 16.03 4.26 12.18
N ALA D 153 15.92 2.94 12.15
CA ALA D 153 14.64 2.27 12.38
C ALA D 153 14.84 1.07 13.26
N MET D 154 13.98 0.96 14.28
CA MET D 154 13.95 -0.19 15.16
C MET D 154 12.85 -1.14 14.68
N MET D 155 13.33 -2.27 14.26
CA MET D 155 12.36 -3.33 13.74
CA MET D 155 12.51 -3.34 13.68
C MET D 155 13.03 -4.86 13.84
N ALA D 156 12.10 -5.72 13.55
CA ALA D 156 12.56 -7.10 13.58
C ALA D 156 13.54 -7.38 12.43
N LEU D 157 14.52 -8.22 12.71
CA LEU D 157 15.50 -8.65 11.75
C LEU D 157 15.17 -10.09 11.32
N PRO D 158 15.58 -10.49 10.10
CA PRO D 158 16.27 -9.67 9.08
C PRO D 158 15.34 -8.67 8.37
N SER D 159 15.88 -7.51 8.01
CA SER D 159 15.11 -6.51 7.26
C SER D 159 14.88 -6.96 5.83
N GLU D 160 15.82 -7.74 5.30
CA GLU D 160 15.84 -8.15 3.88
C GLU D 160 15.78 -6.95 2.91
N ALA D 161 16.44 -5.88 3.30
CA ALA D 161 16.45 -4.63 2.56
C ALA D 161 17.88 -4.41 2.09
N PRO D 162 18.13 -4.48 0.76
CA PRO D 162 19.49 -4.18 0.30
C PRO D 162 19.85 -2.72 0.60
N GLY D 163 21.13 -2.45 0.79
CA GLY D 163 21.55 -1.10 1.12
C GLY D 163 21.37 -0.68 2.59
N MET D 164 20.93 -1.58 3.46
CA MET D 164 20.84 -1.28 4.88
C MET D 164 21.90 -2.01 5.69
N LYS D 165 22.35 -1.41 6.80
CA LYS D 165 23.10 -2.14 7.83
C LYS D 165 22.16 -2.42 8.99
N GLU D 166 22.44 -3.50 9.71
CA GLU D 166 21.61 -3.95 10.82
C GLU D 166 22.48 -4.15 12.04
N ILE D 167 22.09 -3.53 13.16
CA ILE D 167 22.76 -3.78 14.43
C ILE D 167 21.77 -4.62 15.28
N PRO D 168 22.13 -5.89 15.57
CA PRO D 168 21.26 -6.69 16.43
C PRO D 168 21.21 -6.11 17.83
N LEU D 169 20.01 -6.00 18.40
CA LEU D 169 19.85 -5.42 19.75
C LEU D 169 19.59 -6.49 20.79
N TYR D 170 18.52 -7.23 20.62
CA TYR D 170 18.14 -8.29 21.57
C TYR D 170 17.09 -9.23 20.95
N ASP D 171 16.94 -10.40 21.56
CA ASP D 171 15.82 -11.31 21.35
C ASP D 171 14.74 -11.09 22.38
N GLU D 172 13.52 -10.82 21.93
CA GLU D 172 12.41 -10.51 22.81
C GLU D 172 11.44 -11.68 22.74
N ASP D 173 11.18 -12.30 23.88
CA ASP D 173 10.31 -13.45 23.95
C ASP D 173 8.87 -13.02 23.75
N PHE D 174 8.07 -13.95 23.22
CA PHE D 174 6.62 -13.80 23.27
C PHE D 174 6.07 -14.45 24.54
N ILE D 175 4.83 -14.10 24.83
CA ILE D 175 4.07 -14.69 25.91
C ILE D 175 2.66 -14.91 25.35
N VAL D 176 2.03 -15.99 25.77
CA VAL D 176 0.66 -16.34 25.36
C VAL D 176 -0.31 -15.63 26.29
N VAL D 177 -1.32 -15.00 25.72
CA VAL D 177 -2.30 -14.26 26.48
C VAL D 177 -3.67 -14.85 26.18
N THR D 178 -4.42 -15.18 27.22
CA THR D 178 -5.73 -15.81 27.12
C THR D 178 -6.70 -15.14 28.06
N ALA D 179 -7.98 -15.46 27.91
CA ALA D 179 -8.95 -15.09 28.91
C ALA D 179 -8.59 -15.79 30.23
N SER D 180 -8.95 -15.14 31.32
CA SER D 180 -8.73 -15.68 32.68
C SER D 180 -9.16 -17.13 32.89
N ASP D 181 -10.31 -17.48 32.34
CA ASP D 181 -10.87 -18.81 32.51
C ASP D 181 -10.39 -19.87 31.48
N HIS D 182 -9.44 -19.52 30.61
CA HIS D 182 -8.94 -20.46 29.64
C HIS D 182 -8.11 -21.56 30.32
N PRO D 183 -8.20 -22.78 29.79
CA PRO D 183 -7.45 -23.87 30.46
C PRO D 183 -5.91 -23.79 30.49
N PHE D 184 -5.30 -23.06 29.59
CA PHE D 184 -3.87 -22.76 29.63
C PHE D 184 -3.43 -21.68 30.64
N ALA D 185 -4.37 -20.96 31.24
CA ALA D 185 -4.05 -19.93 32.20
C ALA D 185 -2.95 -20.34 33.19
N GLY D 186 -1.84 -19.56 33.19
CA GLY D 186 -0.78 -19.79 34.14
C GLY D 186 0.22 -20.87 33.80
N ARG D 187 -0.02 -21.67 32.78
CA ARG D 187 0.91 -22.73 32.43
C ARG D 187 2.25 -22.18 31.91
N GLN D 188 3.35 -22.80 32.32
CA GLN D 188 4.69 -22.40 31.99
C GLN D 188 5.44 -23.46 31.17
N ASP D 189 4.73 -24.47 30.71
CA ASP D 189 5.32 -25.66 30.09
C ASP D 189 4.68 -26.01 28.73
N LEU D 190 4.09 -25.04 28.03
CA LEU D 190 3.43 -25.37 26.76
C LEU D 190 4.43 -25.82 25.71
N GLU D 191 4.01 -26.73 24.85
CA GLU D 191 4.74 -27.11 23.65
C GLU D 191 4.18 -26.29 22.51
N LEU D 192 4.94 -26.19 21.42
CA LEU D 192 4.51 -25.39 20.26
C LEU D 192 3.15 -25.85 19.71
N SER D 193 2.93 -27.16 19.74
CA SER D 193 1.65 -27.75 19.33
C SER D 193 0.40 -27.22 20.11
N ALA D 194 0.59 -26.65 21.29
CA ALA D 194 -0.50 -25.94 21.97
C ALA D 194 -1.15 -24.82 21.12
N LEU D 195 -0.40 -24.28 20.16
CA LEU D 195 -0.96 -23.25 19.27
C LEU D 195 -2.17 -23.73 18.46
N GLU D 196 -2.18 -25.03 18.14
CA GLU D 196 -3.30 -25.70 17.42
C GLU D 196 -4.61 -25.56 18.20
N ASP D 197 -4.53 -25.53 19.53
CA ASP D 197 -5.69 -25.45 20.39
C ASP D 197 -6.21 -24.06 20.65
N LEU D 198 -5.54 -23.03 20.11
CA LEU D 198 -5.96 -21.64 20.33
C LEU D 198 -6.65 -21.12 19.08
N ASP D 199 -7.67 -20.30 19.28
CA ASP D 199 -8.21 -19.48 18.20
C ASP D 199 -7.46 -18.19 18.29
N LEU D 200 -6.41 -18.06 17.46
CA LEU D 200 -5.52 -16.93 17.52
C LEU D 200 -6.18 -15.71 16.90
N LEU D 201 -6.14 -14.60 17.64
CA LEU D 201 -6.55 -13.28 17.13
C LEU D 201 -5.25 -12.54 16.91
N LEU D 202 -5.05 -12.11 15.67
CA LEU D 202 -3.80 -11.46 15.26
C LEU D 202 -4.05 -10.04 14.80
N LEU D 203 -3.01 -9.23 14.82
CA LEU D 203 -2.99 -7.97 14.14
C LEU D 203 -3.08 -8.29 12.63
N ASP D 204 -3.52 -7.34 11.81
CA ASP D 204 -3.65 -7.59 10.36
C ASP D 204 -2.27 -7.84 9.71
N ASP D 205 -2.28 -8.22 8.43
N ASP D 205 -2.24 -8.25 8.45
CA ASP D 205 -1.06 -8.63 7.68
CA ASP D 205 -0.98 -8.70 7.83
C ASP D 205 0.05 -7.60 7.54
C ASP D 205 0.05 -7.60 7.49
N GLY D 206 -0.26 -6.33 7.74
CA GLY D 206 0.77 -5.27 7.71
C GLY D 206 1.76 -5.26 8.87
N HIS D 207 1.48 -6.04 9.94
CA HIS D 207 2.32 -6.04 11.14
C HIS D 207 3.26 -7.21 11.12
N SER D 208 4.54 -6.99 11.38
CA SER D 208 5.52 -8.11 11.46
C SER D 208 5.16 -9.16 12.56
N LEU D 209 4.49 -8.73 13.64
CA LEU D 209 4.07 -9.65 14.67
C LEU D 209 3.07 -10.71 14.13
N HIS D 210 2.14 -10.29 13.27
CA HIS D 210 1.29 -11.24 12.52
C HIS D 210 2.11 -12.35 11.89
N ASP D 211 3.04 -11.96 11.04
CA ASP D 211 3.86 -12.91 10.27
C ASP D 211 4.68 -13.80 11.18
N GLN D 212 5.19 -13.25 12.27
CA GLN D 212 6.01 -14.04 13.19
C GLN D 212 5.21 -15.12 13.90
N ILE D 213 3.96 -14.80 14.27
CA ILE D 213 3.10 -15.76 14.93
C ILE D 213 2.69 -16.84 13.91
N VAL D 214 2.35 -16.43 12.70
CA VAL D 214 2.06 -17.40 11.62
C VAL D 214 3.23 -18.36 11.41
N ASP D 215 4.47 -17.85 11.40
CA ASP D 215 5.64 -18.73 11.23
C ASP D 215 5.83 -19.71 12.36
N LEU D 216 5.49 -19.27 13.58
CA LEU D 216 5.57 -20.13 14.75
C LEU D 216 4.60 -21.32 14.59
N CYS D 217 3.39 -21.03 14.14
CA CYS D 217 2.40 -22.06 13.87
C CYS D 217 2.88 -23.06 12.80
N ARG D 218 3.55 -22.58 11.76
CA ARG D 218 4.09 -23.47 10.71
C ARG D 218 5.20 -24.40 11.22
N ARG D 219 6.06 -23.89 12.08
CA ARG D 219 7.05 -24.75 12.62
C ARG D 219 6.28 -25.96 13.12
N GLY D 220 5.57 -25.81 14.22
CA GLY D 220 4.83 -26.90 14.80
C GLY D 220 3.62 -27.46 14.08
N ASP D 221 3.09 -26.73 13.11
CA ASP D 221 1.91 -27.24 12.43
C ASP D 221 2.42 -28.04 11.25
N ILE D 222 2.29 -29.36 11.31
CA ILE D 222 2.70 -30.22 10.22
C ILE D 222 1.75 -29.97 9.08
N ASN D 223 2.27 -29.92 7.84
CA ASN D 223 1.46 -29.67 6.65
C ASN D 223 0.72 -28.37 6.86
N PRO D 224 -0.60 -28.37 6.66
CA PRO D 224 -1.40 -27.16 6.83
C PRO D 224 -1.17 -26.46 8.17
N ALA D 230 -10.67 -16.33 10.64
CA ALA D 230 -9.83 -15.41 9.87
C ALA D 230 -10.39 -13.99 9.82
N VAL D 231 -11.69 -13.79 10.08
CA VAL D 231 -12.32 -12.52 9.81
C VAL D 231 -11.89 -11.46 10.84
N THR D 232 -12.02 -11.76 12.13
CA THR D 232 -11.67 -10.83 13.17
C THR D 232 -10.18 -10.46 13.14
N ARG D 233 -9.91 -9.18 12.92
CA ARG D 233 -8.56 -8.62 12.79
C ARG D 233 -8.52 -7.26 13.44
N ALA D 234 -7.36 -6.89 13.98
CA ALA D 234 -7.17 -5.60 14.64
C ALA D 234 -5.93 -4.91 14.16
N SER D 235 -5.90 -3.59 14.32
CA SER D 235 -4.70 -2.82 14.05
C SER D 235 -3.84 -2.55 15.28
N SER D 236 -4.35 -2.78 16.50
CA SER D 236 -3.58 -2.55 17.73
C SER D 236 -3.74 -3.68 18.74
N LEU D 237 -2.69 -3.89 19.52
CA LEU D 237 -2.71 -4.88 20.55
C LEU D 237 -3.76 -4.60 21.61
N THR D 238 -4.07 -3.33 21.88
CA THR D 238 -5.05 -3.02 22.92
C THR D 238 -6.44 -3.50 22.48
N THR D 239 -6.77 -3.35 21.20
CA THR D 239 -8.03 -3.90 20.68
C THR D 239 -8.04 -5.43 20.77
N VAL D 240 -6.92 -6.07 20.46
CA VAL D 240 -6.85 -7.53 20.56
C VAL D 240 -7.12 -7.97 22.01
N MET D 241 -6.55 -7.24 22.99
CA MET D 241 -6.71 -7.58 24.39
C MET D 241 -8.18 -7.53 24.81
N GLN D 242 -8.94 -6.57 24.29
CA GLN D 242 -10.37 -6.49 24.61
C GLN D 242 -11.12 -7.71 24.04
N LEU D 243 -10.71 -8.16 22.85
CA LEU D 243 -11.33 -9.34 22.23
C LEU D 243 -11.01 -10.59 23.05
N VAL D 244 -9.77 -10.67 23.56
CA VAL D 244 -9.33 -11.79 24.38
C VAL D 244 -10.12 -11.82 25.68
N VAL D 245 -10.28 -10.65 26.31
CA VAL D 245 -11.05 -10.57 27.60
C VAL D 245 -12.47 -11.05 27.38
N ALA D 246 -13.05 -10.66 26.24
CA ALA D 246 -14.42 -11.06 25.88
C ALA D 246 -14.58 -12.54 25.46
N GLY D 247 -13.50 -13.32 25.49
CA GLY D 247 -13.55 -14.75 25.17
C GLY D 247 -13.59 -15.08 23.69
N LEU D 248 -13.22 -14.14 22.82
CA LEU D 248 -13.30 -14.37 21.37
C LEU D 248 -12.06 -15.04 20.81
N GLY D 249 -11.04 -15.28 21.63
CA GLY D 249 -9.79 -15.88 21.16
C GLY D 249 -8.61 -15.59 22.09
N SER D 250 -7.43 -16.04 21.68
CA SER D 250 -6.20 -15.90 22.44
C SER D 250 -5.19 -15.24 21.53
N THR D 251 -4.05 -14.79 22.09
CA THR D 251 -2.99 -14.23 21.24
C THR D 251 -1.61 -14.40 21.84
N LEU D 252 -0.59 -13.93 21.13
CA LEU D 252 0.77 -13.82 21.65
C LEU D 252 1.19 -12.35 21.57
N VAL D 253 1.88 -11.88 22.59
CA VAL D 253 2.44 -10.53 22.57
C VAL D 253 3.90 -10.55 22.97
N PRO D 254 4.67 -9.53 22.55
CA PRO D 254 6.05 -9.43 23.06
C PRO D 254 6.05 -9.12 24.54
N ILE D 255 7.03 -9.64 25.27
CA ILE D 255 7.09 -9.40 26.72
C ILE D 255 7.13 -7.95 27.17
N SER D 256 7.70 -7.07 26.36
CA SER D 256 7.72 -5.63 26.70
C SER D 256 6.33 -5.04 26.74
N ALA D 257 5.37 -5.65 26.05
CA ALA D 257 3.98 -5.22 26.12
C ALA D 257 3.26 -5.51 27.46
N ILE D 258 3.77 -6.45 28.24
CA ILE D 258 3.04 -6.96 29.41
C ILE D 258 2.46 -5.88 30.32
N PRO D 259 3.28 -4.92 30.78
CA PRO D 259 2.71 -3.97 31.73
C PRO D 259 1.65 -3.07 31.16
N TRP D 260 1.62 -2.92 29.85
CA TRP D 260 0.74 -1.96 29.18
C TRP D 260 -0.53 -2.57 28.66
N GLU D 261 -0.48 -3.87 28.37
CA GLU D 261 -1.55 -4.57 27.68
C GLU D 261 -2.16 -5.73 28.46
N CYS D 262 -1.38 -6.39 29.32
CA CYS D 262 -1.76 -7.66 29.94
C CYS D 262 -2.14 -7.63 31.39
N THR D 263 -2.24 -6.44 32.00
CA THR D 263 -2.60 -6.32 33.43
C THR D 263 -4.07 -5.93 33.60
N ARG D 264 -4.77 -5.61 32.51
CA ARG D 264 -6.17 -5.26 32.64
C ARG D 264 -6.94 -6.51 33.12
N PRO D 265 -8.11 -6.30 33.77
CA PRO D 265 -8.85 -7.43 34.34
C PRO D 265 -9.35 -8.38 33.25
N GLY D 266 -9.35 -9.67 33.52
CA GLY D 266 -9.88 -10.69 32.63
C GLY D 266 -8.90 -11.40 31.73
N LEU D 267 -7.58 -11.13 31.91
CA LEU D 267 -6.55 -11.79 31.14
C LEU D 267 -5.74 -12.73 32.00
N ALA D 268 -5.20 -13.77 31.40
CA ALA D 268 -4.16 -14.60 32.00
C ALA D 268 -3.09 -14.83 30.96
N THR D 269 -1.93 -15.33 31.40
CA THR D 269 -0.82 -15.59 30.53
C THR D 269 -0.31 -16.99 30.72
N ALA D 270 0.47 -17.44 29.74
CA ALA D 270 1.15 -18.71 29.76
C ALA D 270 2.41 -18.63 28.94
N ASN D 271 3.32 -19.58 29.16
CA ASN D 271 4.56 -19.64 28.37
C ASN D 271 4.84 -21.02 27.86
N PHE D 272 5.60 -21.07 26.78
CA PHE D 272 6.16 -22.29 26.29
C PHE D 272 7.28 -22.73 27.18
N ASN D 273 7.58 -24.04 27.16
CA ASN D 273 8.66 -24.60 27.98
C ASN D 273 10.05 -24.09 27.51
N SER D 274 11.03 -24.32 28.37
CA SER D 274 12.40 -23.87 28.21
C SER D 274 13.06 -24.24 26.89
N ASP D 275 12.74 -25.42 26.34
CA ASP D 275 13.30 -25.90 25.05
C ASP D 275 12.70 -25.25 23.80
N VAL D 276 11.58 -24.52 23.93
CA VAL D 276 10.93 -23.93 22.78
C VAL D 276 11.44 -22.50 22.54
N THR D 277 11.70 -22.17 21.27
CA THR D 277 12.07 -20.82 20.91
C THR D 277 10.88 -20.13 20.31
N ALA D 278 10.46 -19.05 20.94
CA ALA D 278 9.32 -18.26 20.51
C ALA D 278 9.61 -16.81 20.88
N ASN D 279 10.27 -16.13 19.95
CA ASN D 279 10.77 -14.78 20.18
C ASN D 279 10.87 -14.02 18.85
N ARG D 280 11.23 -12.74 18.91
CA ARG D 280 11.60 -11.99 17.70
C ARG D 280 12.97 -11.36 17.97
N ARG D 281 13.75 -11.19 16.93
CA ARG D 281 15.04 -10.49 17.03
C ARG D 281 14.81 -9.05 16.61
N ILE D 282 15.06 -8.14 17.53
CA ILE D 282 14.96 -6.71 17.28
C ILE D 282 16.32 -6.15 16.98
N GLY D 283 16.35 -5.21 16.05
CA GLY D 283 17.58 -4.62 15.56
C GLY D 283 17.39 -3.15 15.18
N LEU D 284 18.53 -2.48 14.99
CA LEU D 284 18.53 -1.09 14.58
C LEU D 284 19.02 -1.10 13.12
N VAL D 285 18.22 -0.54 12.24
CA VAL D 285 18.50 -0.58 10.82
C VAL D 285 18.81 0.86 10.37
N TYR D 286 19.85 1.00 9.55
CA TYR D 286 20.18 2.28 8.94
C TYR D 286 20.82 2.14 7.54
N ARG D 287 20.88 3.23 6.81
CA ARG D 287 21.47 3.22 5.43
C ARG D 287 22.97 2.92 5.49
N SER D 288 23.42 1.92 4.74
CA SER D 288 24.85 1.56 4.74
C SER D 288 25.75 2.65 4.17
N SER D 289 25.17 3.60 3.42
CA SER D 289 25.89 4.78 2.97
C SER D 289 26.14 5.80 4.09
N SER D 290 25.47 5.68 5.23
CA SER D 290 25.72 6.60 6.33
C SER D 290 27.16 6.53 6.83
N SER D 291 27.70 7.65 7.27
CA SER D 291 29.00 7.67 7.93
C SER D 291 28.87 7.60 9.47
N ARG D 292 27.63 7.47 9.97
CA ARG D 292 27.37 7.63 11.40
C ARG D 292 27.29 6.32 12.20
N ALA D 293 27.97 5.28 11.72
CA ALA D 293 28.05 4.01 12.42
C ALA D 293 28.29 4.14 13.91
N GLU D 294 29.27 4.96 14.28
CA GLU D 294 29.70 5.08 15.68
C GLU D 294 28.58 5.64 16.55
N GLU D 295 27.89 6.68 16.09
CA GLU D 295 26.72 7.21 16.78
C GLU D 295 25.55 6.25 16.86
N PHE D 296 25.26 5.56 15.76
CA PHE D 296 24.16 4.61 15.72
C PHE D 296 24.43 3.42 16.64
N GLU D 297 25.70 3.05 16.69
CA GLU D 297 26.13 2.01 17.73
CA GLU D 297 26.13 2.04 17.69
C GLU D 297 25.92 2.43 19.26
N GLN D 298 26.10 3.73 19.45
CA GLN D 298 25.86 4.34 20.75
C GLN D 298 24.35 4.31 20.97
N PHE D 299 23.59 4.67 19.93
CA PHE D 299 22.14 4.66 20.06
C PHE D 299 21.64 3.27 20.35
N ALA D 300 22.25 2.28 19.71
CA ALA D 300 21.90 0.87 19.96
C ALA D 300 22.05 0.50 21.43
N LEU D 301 23.13 0.95 22.06
CA LEU D 301 23.35 0.67 23.48
C LEU D 301 22.20 1.24 24.34
N ILE D 302 21.70 2.42 23.98
CA ILE D 302 20.56 3.03 24.66
C ILE D 302 19.32 2.15 24.54
N LEU D 303 19.06 1.66 23.34
CA LEU D 303 17.92 0.80 23.10
C LEU D 303 18.06 -0.55 23.83
N GLN D 304 19.25 -1.12 23.92
CA GLN D 304 19.46 -2.35 24.68
C GLN D 304 19.19 -2.12 26.16
N ARG D 305 19.60 -0.95 26.67
CA ARG D 305 19.34 -0.62 28.08
CA ARG D 305 19.35 -0.63 28.09
C ARG D 305 17.85 -0.36 28.30
N ALA D 306 17.22 0.35 27.38
CA ALA D 306 15.78 0.62 27.47
C ALA D 306 14.96 -0.67 27.50
N PHE D 307 15.35 -1.65 26.69
CA PHE D 307 14.66 -2.93 26.67
C PHE D 307 14.82 -3.65 28.02
N GLN D 308 16.02 -3.63 28.60
CA GLN D 308 16.25 -4.24 29.91
CA GLN D 308 16.27 -4.23 29.91
C GLN D 308 15.34 -3.63 30.99
N GLU D 309 15.14 -2.32 30.92
CA GLU D 309 14.21 -1.63 31.80
C GLU D 309 12.75 -1.99 31.54
N ALA D 310 12.37 -2.14 30.29
CA ALA D 310 11.02 -2.59 29.93
C ALA D 310 10.76 -4.02 30.42
N VAL D 311 11.78 -4.86 30.37
CA VAL D 311 11.70 -6.21 30.84
C VAL D 311 11.60 -6.20 32.37
N ALA D 312 12.33 -5.32 33.05
CA ALA D 312 12.20 -5.19 34.51
C ALA D 312 10.78 -4.72 34.86
N LEU D 313 10.20 -3.79 34.08
CA LEU D 313 8.82 -3.36 34.31
C LEU D 313 7.87 -4.56 34.16
N ALA D 314 8.10 -5.38 33.15
CA ALA D 314 7.32 -6.62 32.99
C ALA D 314 7.45 -7.55 34.20
N ALA D 315 8.66 -7.77 34.69
CA ALA D 315 8.90 -8.61 35.86
C ALA D 315 8.24 -8.01 37.12
N SER D 316 8.16 -6.68 37.22
CA SER D 316 7.54 -6.02 38.35
C SER D 316 6.03 -6.29 38.49
N THR D 317 5.37 -6.72 37.41
CA THR D 317 3.94 -7.01 37.48
C THR D 317 3.64 -8.29 38.22
N GLY D 318 4.63 -9.15 38.33
CA GLY D 318 4.48 -10.47 38.92
C GLY D 318 4.14 -11.57 37.91
N ILE D 319 3.94 -11.21 36.66
CA ILE D 319 3.62 -12.17 35.61
C ILE D 319 4.90 -12.93 35.29
N THR D 320 4.82 -14.26 35.26
CA THR D 320 6.00 -15.08 35.08
C THR D 320 6.37 -15.00 33.60
N LEU D 321 7.67 -14.81 33.33
CA LEU D 321 8.19 -14.67 31.98
C LEU D 321 8.79 -15.97 31.46
N LYS D 322 8.89 -16.08 30.15
CA LYS D 322 9.50 -17.25 29.51
C LYS D 322 10.91 -17.46 30.06
N GLN D 323 11.24 -18.72 30.32
CA GLN D 323 12.59 -19.14 30.68
C GLN D 323 13.22 -19.77 29.44
N ASN D 324 14.53 -19.56 29.28
CA ASN D 324 15.34 -20.12 28.17
C ASN D 324 16.63 -20.70 28.76
#